data_6VVW
#
_entry.id   6VVW
#
_cell.length_a   83.866
_cell.length_b   83.866
_cell.length_c   149.604
_cell.angle_alpha   90.000
_cell.angle_beta   90.000
_cell.angle_gamma   120.000
#
_symmetry.space_group_name_H-M   'P 3'
#
loop_
_entity.id
_entity.type
_entity.pdbx_description
1 polymer Tautomerase
2 water water
#
_entity_poly.entity_id   1
_entity_poly.type   'polypeptide(L)'
_entity_poly.pdbx_seq_one_letter_code
;MPILQVQVTAGRSQQQKTAFLQNATKVIEQTLNAALPSIRISLHEIEQQDSIVAGQVGAEFVNIVAFLLAGRNDEVKANF
LAAINKTAVTTLDVSDSCIRTMLIDIAPEHMGVQEGLSAAAFRARSAG
;
_entity_poly.pdbx_strand_id   A,B,C,D,E,F,G,H
#
# COMPACT_ATOMS: atom_id res chain seq x y z
N PRO A 2 2.81 -8.27 -21.07
CA PRO A 2 1.51 -8.66 -21.62
C PRO A 2 0.36 -8.03 -20.88
N ILE A 3 -0.28 -7.02 -21.44
CA ILE A 3 -1.42 -6.46 -20.73
C ILE A 3 -2.57 -7.45 -20.78
N LEU A 4 -3.34 -7.51 -19.72
CA LEU A 4 -4.39 -8.50 -19.58
C LEU A 4 -5.68 -7.79 -19.23
N GLN A 5 -6.77 -8.24 -19.83
CA GLN A 5 -8.10 -7.81 -19.42
C GLN A 5 -8.86 -9.08 -19.14
N VAL A 6 -9.71 -9.04 -18.12
CA VAL A 6 -10.32 -10.24 -17.55
C VAL A 6 -11.78 -9.97 -17.25
N GLN A 7 -12.67 -10.87 -17.68
CA GLN A 7 -14.05 -10.84 -17.25
C GLN A 7 -14.30 -12.02 -16.34
N VAL A 8 -14.74 -11.73 -15.10
CA VAL A 8 -15.15 -12.78 -14.17
C VAL A 8 -16.62 -12.59 -13.85
N THR A 9 -17.32 -13.67 -13.59
CA THR A 9 -18.69 -13.53 -13.09
C THR A 9 -18.65 -12.69 -11.81
N ALA A 10 -19.61 -11.79 -11.65
CA ALA A 10 -19.54 -10.86 -10.53
C ALA A 10 -19.72 -11.59 -9.20
N GLY A 11 -19.20 -10.98 -8.13
CA GLY A 11 -19.61 -11.35 -6.78
C GLY A 11 -18.52 -11.82 -5.83
N ARG A 12 -17.34 -11.22 -5.90
CA ARG A 12 -16.21 -11.68 -5.12
C ARG A 12 -15.76 -10.58 -4.17
N SER A 13 -15.11 -10.98 -3.09
CA SER A 13 -14.44 -10.00 -2.25
C SER A 13 -13.23 -9.43 -2.95
N GLN A 14 -12.81 -8.25 -2.48
CA GLN A 14 -11.64 -7.60 -3.06
C GLN A 14 -10.45 -8.52 -3.09
N GLN A 15 -10.12 -9.11 -1.95
CA GLN A 15 -8.86 -9.85 -1.85
C GLN A 15 -8.83 -11.02 -2.82
N GLN A 16 -9.98 -11.62 -3.09
CA GLN A 16 -10.07 -12.53 -4.21
C GLN A 16 -9.64 -11.81 -5.48
N LYS A 17 -10.40 -10.79 -5.85
CA LYS A 17 -10.09 -9.96 -7.00
C LYS A 17 -8.94 -9.01 -6.76
N THR A 18 -8.23 -9.18 -5.64
CA THR A 18 -6.95 -8.55 -5.41
C THR A 18 -5.80 -9.54 -5.52
N ALA A 19 -5.75 -10.54 -4.66
CA ALA A 19 -4.66 -11.51 -4.72
C ALA A 19 -4.61 -12.18 -6.08
N PHE A 20 -5.77 -12.37 -6.72
CA PHE A 20 -5.76 -12.94 -8.06
C PHE A 20 -4.94 -12.09 -9.00
N LEU A 21 -5.11 -10.78 -8.95
CA LEU A 21 -4.30 -9.96 -9.82
C LEU A 21 -2.86 -9.98 -9.37
N GLN A 22 -2.62 -10.27 -8.10
CA GLN A 22 -1.25 -10.18 -7.61
C GLN A 22 -0.42 -11.37 -8.06
N ASN A 23 -0.95 -12.56 -7.92
CA ASN A 23 -0.24 -13.70 -8.47
C ASN A 23 -0.52 -13.88 -9.95
N ALA A 24 -1.46 -13.14 -10.51
CA ALA A 24 -1.55 -13.11 -11.95
C ALA A 24 -0.37 -12.34 -12.52
N THR A 25 -0.03 -11.21 -11.91
CA THR A 25 1.22 -10.55 -12.25
C THR A 25 2.41 -11.47 -11.98
N LYS A 26 2.50 -11.98 -10.75
CA LYS A 26 3.66 -12.80 -10.39
C LYS A 26 3.78 -14.03 -11.29
N VAL A 27 2.67 -14.53 -11.81
CA VAL A 27 2.68 -15.67 -12.72
C VAL A 27 2.98 -15.21 -14.14
N ILE A 28 2.70 -13.94 -14.46
CA ILE A 28 3.03 -13.46 -15.78
C ILE A 28 4.53 -13.23 -15.91
N GLU A 29 5.19 -12.74 -14.85
CA GLU A 29 6.63 -12.84 -14.81
C GLU A 29 7.05 -14.30 -14.85
N GLN A 30 6.54 -15.09 -13.91
CA GLN A 30 6.93 -16.48 -13.75
C GLN A 30 6.80 -17.26 -15.04
N THR A 31 6.13 -16.67 -16.02
CA THR A 31 5.88 -17.26 -17.34
C THR A 31 6.77 -16.64 -18.41
N LEU A 32 8.05 -16.42 -18.07
CA LEU A 32 9.14 -16.00 -18.95
C LEU A 32 8.87 -14.69 -19.70
N ASN A 33 9.92 -13.89 -19.84
CA ASN A 33 9.90 -12.57 -20.46
C ASN A 33 8.98 -11.61 -19.72
N ALA A 34 9.06 -10.33 -20.09
CA ALA A 34 8.39 -9.26 -19.37
C ALA A 34 8.87 -9.27 -17.92
N ALA A 35 9.79 -8.37 -17.59
CA ALA A 35 10.23 -8.24 -16.21
C ALA A 35 9.02 -7.99 -15.34
N LEU A 36 8.58 -6.73 -15.32
CA LEU A 36 7.36 -6.30 -14.65
C LEU A 36 6.74 -5.14 -15.42
N PRO A 37 7.44 -3.99 -15.61
CA PRO A 37 6.77 -2.79 -16.13
C PRO A 37 5.95 -3.00 -17.40
N SER A 38 6.15 -4.14 -18.04
CA SER A 38 5.45 -4.45 -19.28
C SER A 38 4.07 -5.02 -19.05
N ILE A 39 3.88 -5.68 -17.97
CA ILE A 39 2.63 -6.36 -17.71
C ILE A 39 1.67 -5.40 -17.05
N ARG A 40 0.40 -5.52 -17.40
CA ARG A 40 -0.67 -4.98 -16.61
C ARG A 40 -1.80 -6.00 -16.63
N ILE A 41 -2.72 -5.86 -15.69
CA ILE A 41 -3.87 -6.75 -15.64
C ILE A 41 -5.05 -5.93 -15.17
N SER A 42 -6.19 -6.08 -15.83
CA SER A 42 -7.39 -5.34 -15.47
C SER A 42 -8.53 -6.32 -15.25
N LEU A 43 -9.21 -6.22 -14.11
CA LEU A 43 -10.35 -7.08 -13.84
C LEU A 43 -11.66 -6.28 -13.95
N HIS A 44 -12.66 -6.87 -14.62
CA HIS A 44 -13.94 -6.21 -14.90
C HIS A 44 -15.06 -7.21 -14.67
N GLU A 45 -15.62 -7.23 -13.45
CA GLU A 45 -16.61 -8.24 -13.12
C GLU A 45 -17.90 -8.00 -13.88
N ILE A 46 -18.63 -9.09 -14.09
CA ILE A 46 -19.77 -9.13 -14.99
C ILE A 46 -20.95 -9.69 -14.22
N GLU A 47 -22.09 -9.02 -14.31
CA GLU A 47 -23.26 -9.47 -13.59
C GLU A 47 -23.81 -10.73 -14.23
N GLN A 48 -24.32 -11.63 -13.38
CA GLN A 48 -25.25 -12.62 -13.87
C GLN A 48 -26.36 -11.87 -14.59
N GLN A 49 -27.15 -12.56 -15.39
CA GLN A 49 -28.04 -11.95 -16.38
C GLN A 49 -27.40 -10.80 -17.16
N ASP A 50 -26.08 -10.68 -17.10
CA ASP A 50 -25.31 -9.93 -18.08
C ASP A 50 -24.27 -10.81 -18.75
N SER A 51 -24.34 -12.14 -18.54
CA SER A 51 -23.48 -13.11 -19.21
C SER A 51 -24.19 -14.45 -19.31
N ILE A 52 -23.65 -15.34 -20.17
CA ILE A 52 -24.16 -16.69 -20.41
C ILE A 52 -23.04 -17.65 -20.77
N VAL A 53 -22.89 -18.74 -20.01
CA VAL A 53 -21.99 -19.84 -20.38
C VAL A 53 -22.83 -21.04 -20.75
N ALA A 54 -22.41 -21.74 -21.81
CA ALA A 54 -23.30 -22.63 -22.54
C ALA A 54 -24.53 -21.79 -22.86
N GLY A 55 -25.72 -22.33 -22.66
CA GLY A 55 -26.89 -21.51 -22.86
C GLY A 55 -27.64 -21.15 -21.60
N GLN A 56 -26.97 -21.06 -20.47
CA GLN A 56 -27.63 -20.77 -19.21
C GLN A 56 -27.15 -19.42 -18.72
N VAL A 57 -28.02 -18.42 -18.78
CA VAL A 57 -27.64 -17.12 -18.27
C VAL A 57 -27.30 -17.28 -16.81
N GLY A 58 -26.48 -16.39 -16.29
CA GLY A 58 -25.90 -16.64 -14.99
C GLY A 58 -25.24 -17.99 -14.95
N ALA A 59 -23.96 -18.01 -15.30
CA ALA A 59 -23.10 -19.16 -15.08
C ALA A 59 -21.69 -18.64 -14.85
N GLU A 60 -21.09 -19.00 -13.71
CA GLU A 60 -19.84 -18.37 -13.33
C GLU A 60 -18.82 -18.54 -14.45
N PHE A 61 -17.98 -17.54 -14.65
CA PHE A 61 -17.13 -17.57 -15.82
C PHE A 61 -15.97 -16.62 -15.63
N VAL A 62 -14.91 -16.91 -16.36
CA VAL A 62 -13.80 -15.99 -16.57
C VAL A 62 -13.39 -16.13 -18.01
N ASN A 63 -13.04 -15.02 -18.64
CA ASN A 63 -12.33 -15.01 -19.90
C ASN A 63 -11.19 -14.05 -19.75
N ILE A 64 -9.98 -14.53 -19.99
CA ILE A 64 -8.80 -13.69 -20.03
C ILE A 64 -8.45 -13.41 -21.48
N VAL A 65 -8.43 -12.15 -21.87
CA VAL A 65 -7.76 -11.76 -23.10
C VAL A 65 -6.38 -11.23 -22.73
N ALA A 66 -5.35 -11.85 -23.29
CA ALA A 66 -3.96 -11.52 -23.01
C ALA A 66 -3.30 -10.94 -24.26
N PHE A 67 -2.83 -9.72 -24.17
CA PHE A 67 -2.09 -9.09 -25.24
C PHE A 67 -0.61 -9.16 -24.89
N LEU A 68 0.15 -9.89 -25.72
CA LEU A 68 1.59 -10.07 -25.50
C LEU A 68 2.32 -9.66 -26.77
N LEU A 69 3.61 -9.42 -26.69
CA LEU A 69 4.40 -9.07 -27.87
C LEU A 69 4.83 -10.35 -28.60
N ALA A 70 4.46 -10.47 -29.88
CA ALA A 70 4.72 -11.67 -30.66
C ALA A 70 6.17 -12.08 -30.60
N GLY A 71 6.45 -13.31 -31.01
CA GLY A 71 7.78 -13.87 -30.92
C GLY A 71 7.98 -14.89 -29.83
N ARG A 72 6.90 -15.41 -29.24
CA ARG A 72 6.98 -16.32 -28.10
C ARG A 72 6.45 -17.69 -28.52
N ASN A 73 6.79 -18.69 -27.73
CA ASN A 73 6.64 -20.07 -28.15
C ASN A 73 5.32 -20.67 -27.72
N ASP A 74 4.75 -21.49 -28.59
CA ASP A 74 3.60 -22.34 -28.30
C ASP A 74 3.69 -22.96 -26.92
N GLU A 75 4.88 -23.23 -26.44
CA GLU A 75 4.91 -23.94 -25.19
C GLU A 75 5.03 -23.01 -24.02
N VAL A 76 5.67 -21.86 -24.18
CA VAL A 76 5.58 -20.91 -23.09
C VAL A 76 4.17 -20.36 -23.01
N LYS A 77 3.54 -20.10 -24.15
CA LYS A 77 2.13 -19.71 -24.13
C LYS A 77 1.30 -20.79 -23.49
N ALA A 78 1.46 -22.03 -23.96
CA ALA A 78 0.88 -23.18 -23.28
C ALA A 78 1.19 -23.18 -21.81
N ASN A 79 2.22 -22.48 -21.37
CA ASN A 79 2.53 -22.50 -19.95
C ASN A 79 1.75 -21.44 -19.20
N PHE A 80 1.72 -20.22 -19.75
CA PHE A 80 0.78 -19.19 -19.32
C PHE A 80 -0.58 -19.79 -19.04
N LEU A 81 -1.15 -20.45 -20.04
CA LEU A 81 -2.51 -20.93 -19.94
C LEU A 81 -2.71 -21.82 -18.72
N ALA A 82 -1.75 -22.70 -18.44
CA ALA A 82 -1.91 -23.68 -17.37
C ALA A 82 -1.73 -23.03 -16.00
N ALA A 83 -0.71 -22.19 -15.84
CA ALA A 83 -0.52 -21.56 -14.54
C ALA A 83 -1.57 -20.49 -14.27
N ILE A 84 -2.13 -19.89 -15.32
CA ILE A 84 -3.05 -18.76 -15.16
C ILE A 84 -4.46 -19.27 -14.93
N ASN A 85 -4.82 -20.39 -15.55
CA ASN A 85 -5.98 -21.13 -15.09
C ASN A 85 -5.78 -21.62 -13.66
N LYS A 86 -4.56 -22.04 -13.31
CA LYS A 86 -4.29 -22.44 -11.93
C LYS A 86 -4.58 -21.32 -10.96
N THR A 87 -4.07 -20.13 -11.25
CA THR A 87 -4.23 -18.99 -10.35
C THR A 87 -5.67 -18.53 -10.29
N ALA A 88 -6.29 -18.38 -11.47
CA ALA A 88 -7.69 -18.00 -11.53
C ALA A 88 -8.53 -18.92 -10.69
N VAL A 89 -8.26 -20.22 -10.78
CA VAL A 89 -9.00 -21.17 -9.95
C VAL A 89 -8.72 -20.92 -8.47
N THR A 90 -7.43 -20.94 -8.09
CA THR A 90 -7.07 -20.89 -6.67
C THR A 90 -7.72 -19.70 -6.00
N THR A 91 -7.55 -18.50 -6.58
CA THR A 91 -7.85 -17.26 -5.88
C THR A 91 -9.09 -16.52 -6.39
N LEU A 92 -9.72 -16.98 -7.48
CA LEU A 92 -11.04 -16.50 -7.84
C LEU A 92 -12.15 -17.45 -7.43
N ASP A 93 -11.81 -18.66 -6.97
CA ASP A 93 -12.77 -19.63 -6.46
C ASP A 93 -13.82 -20.00 -7.50
N VAL A 94 -13.35 -20.58 -8.59
CA VAL A 94 -14.18 -20.94 -9.73
C VAL A 94 -13.69 -22.29 -10.25
N SER A 95 -14.27 -22.77 -11.34
CA SER A 95 -13.84 -24.05 -11.90
C SER A 95 -12.75 -23.81 -12.93
N ASP A 96 -11.88 -24.82 -13.08
CA ASP A 96 -10.87 -24.80 -14.13
C ASP A 96 -11.52 -24.68 -15.50
N SER A 97 -12.59 -25.44 -15.72
CA SER A 97 -13.23 -25.57 -17.02
C SER A 97 -13.80 -24.27 -17.56
N CYS A 98 -14.05 -23.28 -16.70
CA CYS A 98 -14.87 -22.13 -17.09
C CYS A 98 -14.05 -20.91 -17.44
N ILE A 99 -12.73 -21.03 -17.43
CA ILE A 99 -11.86 -19.93 -17.80
C ILE A 99 -11.49 -20.05 -19.27
N ARG A 100 -11.80 -19.03 -20.03
CA ARG A 100 -11.44 -19.00 -21.44
C ARG A 100 -10.37 -17.96 -21.62
N THR A 101 -9.15 -18.38 -21.85
CA THR A 101 -8.07 -17.46 -22.14
C THR A 101 -7.88 -17.36 -23.65
N MET A 102 -7.23 -16.29 -24.06
CA MET A 102 -7.21 -15.89 -25.46
C MET A 102 -5.89 -15.15 -25.65
N LEU A 103 -4.91 -15.85 -26.22
CA LEU A 103 -3.55 -15.32 -26.33
C LEU A 103 -3.38 -14.62 -27.67
N ILE A 104 -3.04 -13.34 -27.61
CA ILE A 104 -3.04 -12.47 -28.78
C ILE A 104 -1.64 -11.89 -28.88
N ASP A 105 -0.90 -12.33 -29.88
CA ASP A 105 0.49 -11.92 -30.04
C ASP A 105 0.55 -10.77 -31.02
N ILE A 106 0.99 -9.61 -30.51
CA ILE A 106 1.04 -8.34 -31.21
C ILE A 106 2.47 -8.10 -31.71
N ALA A 107 2.54 -7.48 -32.75
CA ALA A 107 3.76 -7.18 -33.45
C ALA A 107 4.34 -5.89 -32.90
N PRO A 108 5.67 -5.76 -32.91
CA PRO A 108 6.29 -4.65 -32.20
C PRO A 108 5.96 -3.30 -32.77
N GLU A 109 5.56 -3.22 -34.04
CA GLU A 109 5.16 -1.97 -34.67
C GLU A 109 3.69 -1.67 -34.47
N HIS A 110 2.93 -2.60 -33.91
CA HIS A 110 1.50 -2.41 -33.75
C HIS A 110 1.08 -2.24 -32.29
N MET A 111 2.02 -2.18 -31.37
CA MET A 111 1.71 -1.87 -29.98
C MET A 111 2.26 -0.49 -29.67
N GLY A 112 1.40 0.41 -29.26
CA GLY A 112 1.83 1.75 -28.91
C GLY A 112 2.07 1.84 -27.43
N VAL A 113 3.30 2.14 -27.05
CA VAL A 113 3.68 2.01 -25.65
C VAL A 113 4.18 3.36 -25.15
N GLN A 114 5.14 3.35 -24.22
CA GLN A 114 5.73 4.59 -23.72
C GLN A 114 5.93 5.61 -24.83
N GLU A 115 5.54 6.85 -24.55
CA GLU A 115 5.80 7.97 -25.46
C GLU A 115 5.02 7.86 -26.77
N GLY A 116 4.20 6.83 -26.91
CA GLY A 116 3.56 6.61 -28.18
C GLY A 116 4.48 6.17 -29.29
N LEU A 117 5.71 5.80 -28.98
CA LEU A 117 6.59 5.15 -29.94
C LEU A 117 6.24 3.67 -29.97
N SER A 118 6.08 3.12 -31.17
CA SER A 118 5.71 1.72 -31.27
C SER A 118 6.72 0.86 -30.52
N ALA A 119 6.29 -0.34 -30.13
CA ALA A 119 7.17 -1.22 -29.39
C ALA A 119 8.38 -1.63 -30.22
N ALA A 120 8.22 -1.67 -31.55
CA ALA A 120 9.32 -2.01 -32.44
C ALA A 120 10.52 -1.11 -32.20
N ALA A 121 10.27 0.19 -32.11
CA ALA A 121 11.31 1.21 -31.99
C ALA A 121 12.13 1.12 -30.72
N PHE A 122 12.13 -0.05 -30.07
CA PHE A 122 12.94 -0.28 -28.88
C PHE A 122 14.02 -1.32 -29.12
N PRO B 2 45.31 -10.94 -33.47
CA PRO B 2 44.97 -12.35 -33.67
C PRO B 2 46.09 -13.12 -34.37
N ILE B 3 46.81 -13.93 -33.63
CA ILE B 3 47.84 -14.78 -34.19
C ILE B 3 47.27 -16.19 -34.32
N LEU B 4 47.44 -16.82 -35.49
CA LEU B 4 46.96 -18.17 -35.77
C LEU B 4 48.11 -19.09 -36.10
N GLN B 5 48.09 -20.30 -35.52
CA GLN B 5 49.14 -21.33 -35.73
C GLN B 5 48.44 -22.62 -36.15
N VAL B 6 47.96 -22.66 -37.38
CA VAL B 6 46.87 -23.55 -37.78
C VAL B 6 47.40 -24.90 -38.24
N GLN B 7 46.85 -25.97 -37.67
CA GLN B 7 47.25 -27.32 -38.03
C GLN B 7 46.44 -27.79 -39.22
N VAL B 8 47.11 -28.41 -40.19
CA VAL B 8 46.42 -28.85 -41.40
C VAL B 8 47.06 -30.14 -41.88
N THR B 9 46.28 -30.94 -42.60
CA THR B 9 46.80 -32.17 -43.22
C THR B 9 47.70 -31.84 -44.42
N ALA B 10 48.85 -32.50 -44.49
CA ALA B 10 49.68 -32.38 -45.68
C ALA B 10 49.05 -33.13 -46.85
N GLY B 11 48.97 -32.45 -47.99
CA GLY B 11 48.40 -32.99 -49.21
C GLY B 11 47.64 -31.96 -50.01
N ARG B 12 47.99 -30.69 -49.83
CA ARG B 12 47.39 -29.60 -50.58
C ARG B 12 48.50 -28.89 -51.35
N SER B 13 48.10 -27.98 -52.23
CA SER B 13 49.06 -27.27 -53.07
C SER B 13 49.19 -25.81 -52.62
N GLN B 14 50.35 -25.23 -52.90
CA GLN B 14 50.61 -23.88 -52.42
C GLN B 14 49.62 -22.88 -52.97
N GLN B 15 48.79 -23.27 -53.94
CA GLN B 15 47.63 -22.45 -54.29
C GLN B 15 46.49 -22.71 -53.30
N GLN B 16 46.32 -23.97 -52.90
CA GLN B 16 45.42 -24.30 -51.81
C GLN B 16 45.91 -23.73 -50.49
N LYS B 17 47.18 -23.36 -50.41
CA LYS B 17 47.78 -22.78 -49.21
C LYS B 17 48.11 -21.30 -49.38
N THR B 18 47.74 -20.68 -50.50
CA THR B 18 47.90 -19.24 -50.65
C THR B 18 46.59 -18.50 -50.63
N ALA B 19 45.46 -19.21 -50.63
CA ALA B 19 44.16 -18.59 -50.55
C ALA B 19 43.60 -18.64 -49.16
N PHE B 20 44.06 -19.58 -48.34
CA PHE B 20 43.45 -19.78 -47.04
C PHE B 20 43.98 -18.81 -45.99
N LEU B 21 45.29 -18.53 -46.00
CA LEU B 21 45.83 -17.54 -45.07
C LEU B 21 45.60 -16.13 -45.57
N GLN B 22 45.43 -15.99 -46.89
CA GLN B 22 45.16 -14.68 -47.47
C GLN B 22 43.70 -14.31 -47.29
N ASN B 23 42.81 -15.27 -47.52
CA ASN B 23 41.38 -15.08 -47.33
C ASN B 23 41.03 -15.16 -45.85
N ALA B 24 41.73 -16.00 -45.12
CA ALA B 24 41.68 -16.00 -43.66
C ALA B 24 42.57 -14.95 -43.06
N THR B 25 43.05 -14.01 -43.88
CA THR B 25 43.58 -12.76 -43.38
C THR B 25 42.51 -11.68 -43.34
N LYS B 26 41.61 -11.68 -44.32
CA LYS B 26 40.48 -10.79 -44.31
C LYS B 26 39.28 -11.36 -43.58
N VAL B 27 39.26 -12.66 -43.28
CA VAL B 27 38.20 -13.20 -42.44
C VAL B 27 38.39 -12.72 -41.01
N ILE B 28 39.62 -12.83 -40.53
CA ILE B 28 40.08 -12.03 -39.41
C ILE B 28 40.16 -10.58 -39.85
N GLU B 29 39.02 -9.90 -39.89
CA GLU B 29 38.93 -8.54 -40.43
C GLU B 29 37.50 -8.17 -40.72
N GLN B 30 36.81 -9.04 -41.44
CA GLN B 30 35.42 -8.78 -41.75
C GLN B 30 34.56 -8.84 -40.51
N THR B 31 35.09 -9.38 -39.42
CA THR B 31 34.37 -9.40 -38.16
C THR B 31 35.27 -8.87 -37.05
N LEU B 32 36.49 -9.37 -37.00
CA LEU B 32 37.38 -8.97 -35.93
C LEU B 32 37.97 -7.62 -36.26
N ASN B 33 37.78 -6.65 -35.36
CA ASN B 33 38.34 -5.30 -35.38
C ASN B 33 39.73 -5.24 -36.01
N ALA B 34 40.30 -6.41 -36.24
CA ALA B 34 41.67 -6.56 -36.67
C ALA B 34 41.95 -5.70 -37.89
N ALA B 35 43.10 -5.03 -37.86
CA ALA B 35 43.47 -4.10 -38.92
C ALA B 35 44.15 -4.83 -40.07
N LEU B 36 45.39 -5.30 -39.85
CA LEU B 36 46.25 -5.92 -40.84
C LEU B 36 47.62 -6.19 -40.23
N PRO B 37 48.34 -5.16 -39.68
CA PRO B 37 49.68 -5.42 -39.14
C PRO B 37 49.71 -6.39 -37.97
N SER B 38 48.55 -6.92 -37.58
CA SER B 38 48.48 -7.82 -36.45
C SER B 38 47.81 -9.14 -36.79
N ILE B 39 47.29 -9.30 -38.02
CA ILE B 39 46.63 -10.52 -38.47
C ILE B 39 47.70 -11.46 -39.01
N ARG B 40 48.07 -12.47 -38.20
CA ARG B 40 49.26 -13.26 -38.45
C ARG B 40 48.91 -14.74 -38.32
N ILE B 41 49.34 -15.53 -39.30
CA ILE B 41 48.93 -16.92 -39.43
C ILE B 41 50.15 -17.75 -39.73
N SER B 42 50.09 -19.02 -39.32
CA SER B 42 51.04 -20.05 -39.74
C SER B 42 50.24 -21.29 -40.05
N LEU B 43 50.66 -22.04 -41.07
CA LEU B 43 49.99 -23.26 -41.49
C LEU B 43 50.99 -24.40 -41.46
N HIS B 44 50.68 -25.45 -40.71
CA HIS B 44 51.59 -26.56 -40.51
C HIS B 44 50.96 -27.84 -41.02
N GLU B 45 51.46 -28.34 -42.13
CA GLU B 45 50.95 -29.60 -42.64
C GLU B 45 51.38 -30.73 -41.72
N ILE B 46 50.61 -31.80 -41.73
CA ILE B 46 50.93 -32.97 -40.92
C ILE B 46 50.77 -34.22 -41.77
N GLU B 47 51.66 -35.17 -41.58
CA GLU B 47 51.52 -36.41 -42.28
C GLU B 47 50.48 -37.28 -41.59
N GLN B 48 49.73 -38.05 -42.38
CA GLN B 48 48.91 -39.12 -41.83
C GLN B 48 49.82 -39.96 -40.96
N GLN B 49 49.26 -40.87 -40.17
CA GLN B 49 50.03 -41.65 -39.19
C GLN B 49 50.99 -40.80 -38.36
N ASP B 50 50.87 -39.47 -38.47
CA ASP B 50 51.50 -38.50 -37.57
C ASP B 50 50.48 -37.54 -36.99
N SER B 51 49.23 -37.62 -37.43
CA SER B 51 48.09 -36.95 -36.81
C SER B 51 47.01 -38.01 -36.60
N ILE B 52 45.93 -37.64 -35.91
CA ILE B 52 44.85 -38.59 -35.64
C ILE B 52 43.56 -37.82 -35.36
N VAL B 53 42.43 -38.39 -35.80
CA VAL B 53 41.08 -38.01 -35.38
C VAL B 53 40.10 -39.18 -35.45
N ALA B 54 39.69 -39.68 -34.28
CA ALA B 54 38.51 -40.51 -34.08
C ALA B 54 38.73 -41.97 -34.43
N VAL B 57 42.14 -42.94 -38.62
CA VAL B 57 43.57 -42.68 -38.58
C VAL B 57 44.04 -42.10 -39.91
N GLY B 58 44.83 -41.04 -39.83
CA GLY B 58 45.08 -40.19 -40.97
C GLY B 58 43.87 -39.44 -41.46
N ALA B 59 42.69 -39.74 -40.93
CA ALA B 59 41.47 -38.99 -41.19
C ALA B 59 41.73 -37.49 -41.11
N GLU B 60 41.23 -36.76 -42.12
CA GLU B 60 41.44 -35.33 -42.28
C GLU B 60 41.30 -34.58 -40.96
N PHE B 61 41.98 -33.45 -40.85
CA PHE B 61 41.86 -32.63 -39.65
C PHE B 61 42.57 -31.32 -39.89
N VAL B 62 42.01 -30.27 -39.30
CA VAL B 62 42.66 -28.98 -39.16
C VAL B 62 42.52 -28.62 -37.69
N ASN B 63 43.51 -27.91 -37.14
CA ASN B 63 43.45 -27.41 -35.77
C ASN B 63 43.82 -25.93 -35.82
N ILE B 64 42.87 -25.07 -36.10
CA ILE B 64 43.14 -23.64 -36.11
C ILE B 64 43.26 -23.18 -34.68
N VAL B 65 44.42 -22.69 -34.30
CA VAL B 65 44.58 -22.13 -32.97
C VAL B 65 44.87 -20.65 -33.14
N ALA B 66 43.96 -19.82 -32.65
CA ALA B 66 44.09 -18.38 -32.73
C ALA B 66 44.42 -17.80 -31.36
N PHE B 67 45.35 -16.87 -31.33
CA PHE B 67 45.67 -16.13 -30.13
C PHE B 67 45.07 -14.74 -30.28
N LEU B 68 44.24 -14.33 -29.32
CA LEU B 68 43.60 -13.03 -29.43
C LEU B 68 43.64 -12.33 -28.08
N LEU B 69 43.81 -11.01 -28.11
CA LEU B 69 43.84 -10.24 -26.88
C LEU B 69 42.41 -10.05 -26.37
N ALA B 70 42.27 -10.15 -25.04
CA ALA B 70 40.94 -10.25 -24.46
C ALA B 70 40.17 -8.96 -24.66
N GLY B 71 38.89 -9.01 -24.33
CA GLY B 71 38.01 -7.88 -24.51
C GLY B 71 37.16 -7.94 -25.75
N ARG B 72 36.82 -9.12 -26.23
CA ARG B 72 35.82 -9.26 -27.27
C ARG B 72 34.74 -10.17 -26.75
N ASN B 73 33.52 -9.90 -27.17
CA ASN B 73 32.36 -10.57 -26.64
C ASN B 73 32.38 -12.04 -26.97
N ASP B 74 31.28 -12.72 -26.71
CA ASP B 74 31.16 -14.10 -27.11
C ASP B 74 30.68 -14.24 -28.55
N GLU B 75 30.28 -13.13 -29.18
CA GLU B 75 29.65 -13.12 -30.48
C GLU B 75 30.63 -12.81 -31.61
N VAL B 76 31.51 -11.84 -31.44
CA VAL B 76 32.55 -11.62 -32.44
C VAL B 76 33.49 -12.80 -32.51
N LYS B 77 33.49 -13.64 -31.49
CA LYS B 77 34.18 -14.92 -31.53
C LYS B 77 33.31 -15.98 -32.14
N ALA B 78 31.99 -15.88 -31.96
CA ALA B 78 31.09 -16.88 -32.50
C ALA B 78 31.03 -16.80 -34.02
N ASN B 79 30.81 -15.61 -34.56
CA ASN B 79 30.77 -15.45 -36.01
C ASN B 79 32.13 -15.77 -36.63
N PHE B 80 33.21 -15.51 -35.90
CA PHE B 80 34.52 -16.02 -36.30
C PHE B 80 34.49 -17.53 -36.44
N LEU B 81 34.03 -18.22 -35.39
CA LEU B 81 34.05 -19.68 -35.34
C LEU B 81 33.47 -20.34 -36.58
N ALA B 82 32.74 -19.61 -37.41
CA ALA B 82 32.19 -20.18 -38.61
C ALA B 82 32.60 -19.45 -39.88
N ALA B 83 33.08 -18.21 -39.77
CA ALA B 83 33.77 -17.61 -40.90
C ALA B 83 35.07 -18.34 -41.20
N ILE B 84 35.83 -18.71 -40.16
CA ILE B 84 37.08 -19.44 -40.38
C ILE B 84 36.80 -20.88 -40.86
N ASN B 85 35.78 -21.54 -40.30
CA ASN B 85 35.31 -22.80 -40.87
C ASN B 85 34.96 -22.65 -42.35
N LYS B 86 34.21 -21.60 -42.69
CA LYS B 86 34.04 -21.22 -44.09
C LYS B 86 35.37 -21.25 -44.82
N THR B 87 36.38 -20.63 -44.22
CA THR B 87 37.63 -20.44 -44.95
C THR B 87 38.35 -21.77 -45.14
N ALA B 88 38.28 -22.66 -44.15
CA ALA B 88 39.06 -23.87 -44.19
C ALA B 88 38.44 -24.92 -45.09
N VAL B 89 37.12 -25.11 -44.98
CA VAL B 89 36.46 -25.98 -45.93
C VAL B 89 36.64 -25.44 -47.34
N THR B 90 36.27 -24.18 -47.54
CA THR B 90 36.34 -23.60 -48.87
C THR B 90 37.74 -23.72 -49.44
N THR B 91 38.73 -23.26 -48.70
CA THR B 91 40.05 -22.99 -49.27
C THR B 91 41.04 -24.14 -49.11
N LEU B 92 40.83 -25.07 -48.19
CA LEU B 92 41.77 -26.15 -48.00
C LEU B 92 41.20 -27.51 -48.32
N ASP B 93 39.94 -27.58 -48.77
CA ASP B 93 39.31 -28.85 -49.13
C ASP B 93 39.26 -29.83 -47.96
N VAL B 94 38.95 -29.31 -46.77
CA VAL B 94 38.67 -30.16 -45.63
C VAL B 94 37.16 -30.22 -45.45
N SER B 95 36.69 -30.73 -44.31
CA SER B 95 35.26 -30.85 -44.08
C SER B 95 34.86 -30.06 -42.84
N ASP B 96 33.55 -30.02 -42.61
CA ASP B 96 32.98 -29.26 -41.49
C ASP B 96 33.35 -29.88 -40.15
N SER B 97 32.99 -31.14 -39.94
CA SER B 97 33.27 -31.81 -38.66
C SER B 97 34.68 -32.37 -38.57
N CYS B 98 35.70 -31.65 -39.03
CA CYS B 98 37.10 -32.00 -38.83
C CYS B 98 37.92 -30.79 -38.37
N ILE B 99 37.59 -29.61 -38.87
CA ILE B 99 38.16 -28.37 -38.36
C ILE B 99 37.92 -28.27 -36.87
N ARG B 100 38.97 -27.94 -36.11
CA ARG B 100 38.90 -27.58 -34.69
C ARG B 100 39.65 -26.29 -34.46
N THR B 101 38.94 -25.21 -34.18
CA THR B 101 39.54 -23.90 -33.93
C THR B 101 39.46 -23.58 -32.45
N MET B 102 40.61 -23.44 -31.82
CA MET B 102 40.70 -23.07 -30.43
C MET B 102 41.12 -21.61 -30.35
N LEU B 103 40.32 -20.82 -29.67
CA LEU B 103 40.47 -19.38 -29.61
C LEU B 103 40.88 -19.03 -28.17
N ILE B 104 42.11 -18.57 -27.99
CA ILE B 104 42.67 -18.39 -26.65
C ILE B 104 42.94 -16.90 -26.43
N ASP B 105 42.36 -16.34 -25.38
CA ASP B 105 42.60 -14.95 -25.05
C ASP B 105 43.82 -14.83 -24.16
N ILE B 106 44.54 -13.74 -24.34
CA ILE B 106 45.67 -13.44 -23.46
C ILE B 106 45.57 -11.98 -23.02
N ALA B 107 46.03 -11.73 -21.80
CA ALA B 107 46.04 -10.39 -21.26
C ALA B 107 47.12 -9.53 -21.91
N PRO B 108 46.78 -8.42 -22.54
CA PRO B 108 47.78 -7.55 -23.17
C PRO B 108 48.99 -7.19 -22.33
N GLU B 109 48.97 -7.50 -21.05
CA GLU B 109 50.17 -7.41 -20.25
C GLU B 109 50.97 -8.69 -20.29
N HIS B 110 50.50 -9.68 -21.06
CA HIS B 110 51.20 -10.95 -21.15
C HIS B 110 51.69 -11.31 -22.54
N MET B 111 51.29 -10.60 -23.60
CA MET B 111 51.90 -10.82 -24.90
C MET B 111 53.09 -9.88 -25.06
N GLY B 112 54.14 -10.40 -25.72
CA GLY B 112 55.19 -9.57 -26.23
C GLY B 112 54.98 -9.35 -27.73
N VAL B 113 55.01 -8.10 -28.12
CA VAL B 113 54.74 -7.77 -29.52
C VAL B 113 55.79 -6.79 -30.01
N GLN B 114 55.40 -6.02 -31.02
CA GLN B 114 55.98 -4.75 -31.37
C GLN B 114 57.15 -4.37 -30.47
N GLU B 115 58.36 -4.49 -30.99
CA GLU B 115 59.59 -4.17 -30.28
C GLU B 115 59.69 -4.89 -28.93
N GLY B 116 58.95 -5.99 -28.74
CA GLY B 116 58.97 -6.70 -27.49
C GLY B 116 58.00 -6.17 -26.45
N LEU B 117 57.56 -4.93 -26.59
CA LEU B 117 56.74 -4.30 -25.57
C LEU B 117 55.51 -5.16 -25.34
N SER B 118 54.87 -4.97 -24.20
CA SER B 118 53.59 -5.63 -23.99
C SER B 118 52.62 -5.15 -25.06
N ALA B 119 51.54 -5.88 -25.22
CA ALA B 119 50.43 -5.38 -26.01
C ALA B 119 49.54 -4.46 -25.20
N ALA B 120 49.96 -4.14 -23.96
CA ALA B 120 49.33 -3.17 -23.08
C ALA B 120 50.11 -1.87 -22.98
N ALA B 121 51.42 -1.95 -22.81
CA ALA B 121 52.22 -0.74 -22.72
C ALA B 121 52.30 -0.03 -24.07
N PRO C 2 22.91 -8.54 -15.04
CA PRO C 2 24.02 -8.40 -14.10
C PRO C 2 23.54 -8.44 -12.65
N ILE C 3 24.44 -8.69 -11.72
CA ILE C 3 24.13 -8.68 -10.29
C ILE C 3 25.20 -7.87 -9.59
N LEU C 4 24.79 -6.86 -8.83
CA LEU C 4 25.69 -5.97 -8.11
C LEU C 4 25.36 -6.05 -6.63
N GLN C 5 26.38 -6.22 -5.82
CA GLN C 5 26.28 -6.04 -4.38
C GLN C 5 27.05 -4.79 -4.05
N VAL C 6 26.34 -3.73 -3.73
CA VAL C 6 26.94 -2.42 -3.58
C VAL C 6 27.20 -2.14 -2.12
N GLN C 7 28.30 -1.43 -1.82
CA GLN C 7 28.64 -0.99 -0.46
C GLN C 7 28.86 0.51 -0.48
N VAL C 8 28.33 1.19 0.54
CA VAL C 8 28.36 2.65 0.57
C VAL C 8 28.41 3.10 2.02
N THR C 9 29.22 4.12 2.30
CA THR C 9 29.19 4.75 3.61
C THR C 9 27.75 4.93 4.06
N ALA C 10 27.48 4.61 5.31
CA ALA C 10 26.15 4.91 5.80
C ALA C 10 25.93 6.43 5.87
N GLY C 11 24.66 6.81 5.82
CA GLY C 11 24.32 8.21 6.00
C GLY C 11 23.55 8.81 4.85
N ARG C 12 23.19 8.04 3.85
CA ARG C 12 22.40 8.55 2.76
C ARG C 12 20.94 8.40 3.09
N SER C 13 20.15 9.41 2.73
CA SER C 13 18.71 9.46 2.95
C SER C 13 18.04 8.19 2.46
N GLN C 14 16.71 8.18 2.45
CA GLN C 14 16.09 7.02 1.80
C GLN C 14 15.91 7.28 0.32
N GLN C 15 15.86 8.56 -0.06
CA GLN C 15 15.68 8.90 -1.45
C GLN C 15 17.01 8.85 -2.20
N GLN C 16 18.00 9.66 -1.77
CA GLN C 16 19.39 9.61 -2.23
C GLN C 16 19.79 8.21 -2.70
N LYS C 17 19.37 7.21 -1.94
CA LYS C 17 19.67 5.83 -2.24
C LYS C 17 18.70 5.21 -3.22
N THR C 18 17.42 5.53 -3.07
CA THR C 18 16.44 5.06 -4.03
C THR C 18 16.75 5.55 -5.45
N ALA C 19 17.20 6.80 -5.57
CA ALA C 19 17.66 7.35 -6.84
C ALA C 19 18.71 6.47 -7.46
N PHE C 20 19.75 6.12 -6.68
CA PHE C 20 20.79 5.27 -7.22
C PHE C 20 20.22 3.93 -7.67
N LEU C 21 19.52 3.24 -6.77
CA LEU C 21 18.94 1.95 -7.12
C LEU C 21 18.05 2.02 -8.34
N GLN C 22 17.66 3.22 -8.76
CA GLN C 22 16.69 3.43 -9.82
C GLN C 22 17.31 3.81 -11.15
N ASN C 23 18.18 4.81 -11.14
CA ASN C 23 18.95 5.25 -12.29
C ASN C 23 20.33 4.62 -12.34
N ALA C 24 20.58 3.57 -11.56
CA ALA C 24 21.64 2.65 -11.90
C ALA C 24 21.09 1.56 -12.81
N THR C 25 19.97 0.95 -12.43
CA THR C 25 19.29 -0.02 -13.27
C THR C 25 19.12 0.47 -14.71
N LYS C 26 18.81 1.76 -14.88
CA LYS C 26 18.74 2.31 -16.22
C LYS C 26 20.12 2.27 -16.87
N VAL C 27 21.14 2.70 -16.13
CA VAL C 27 22.50 2.75 -16.64
C VAL C 27 22.95 1.38 -17.13
N ILE C 28 22.67 0.37 -16.32
CA ILE C 28 22.98 -1.00 -16.71
C ILE C 28 22.19 -1.40 -17.95
N GLU C 29 20.92 -1.01 -18.02
CA GLU C 29 20.12 -1.36 -19.20
C GLU C 29 20.79 -0.85 -20.47
N GLN C 30 21.34 0.35 -20.42
CA GLN C 30 21.77 0.99 -21.64
C GLN C 30 23.23 0.71 -21.96
N THR C 31 24.12 0.77 -20.97
CA THR C 31 25.52 0.51 -21.24
C THR C 31 25.82 -0.99 -21.43
N LEU C 32 25.00 -1.86 -20.84
CA LEU C 32 25.21 -3.30 -20.91
C LEU C 32 24.15 -3.93 -21.80
N ASN C 33 24.22 -5.26 -21.93
CA ASN C 33 23.27 -5.92 -22.80
C ASN C 33 21.88 -5.94 -22.20
N ALA C 34 21.73 -6.67 -21.09
CA ALA C 34 20.44 -7.07 -20.57
C ALA C 34 19.56 -5.85 -20.31
N ALA C 35 18.24 -6.09 -20.33
CA ALA C 35 17.26 -5.01 -20.20
C ALA C 35 16.87 -4.83 -18.74
N LEU C 36 16.19 -5.83 -18.16
CA LEU C 36 15.80 -5.68 -16.76
C LEU C 36 15.82 -7.01 -16.01
N PRO C 37 14.90 -7.95 -16.26
CA PRO C 37 14.64 -9.01 -15.27
C PRO C 37 15.85 -9.86 -14.92
N SER C 38 17.03 -9.35 -15.27
CA SER C 38 18.32 -9.98 -14.96
C SER C 38 19.19 -9.07 -14.11
N ILE C 39 18.71 -7.91 -13.74
CA ILE C 39 19.50 -6.95 -13.00
C ILE C 39 19.21 -7.09 -11.51
N ARG C 40 20.24 -6.89 -10.69
CA ARG C 40 20.10 -7.01 -9.24
C ARG C 40 21.03 -5.99 -8.59
N ILE C 41 20.47 -4.91 -8.08
CA ILE C 41 21.19 -4.04 -7.17
C ILE C 41 20.76 -4.38 -5.76
N SER C 42 21.72 -4.45 -4.86
CA SER C 42 21.42 -4.51 -3.43
C SER C 42 22.23 -3.44 -2.75
N LEU C 43 21.56 -2.41 -2.26
CA LEU C 43 22.22 -1.44 -1.42
C LEU C 43 22.62 -2.09 -0.12
N HIS C 44 23.55 -1.47 0.59
CA HIS C 44 24.09 -2.11 1.77
C HIS C 44 25.00 -1.15 2.51
N GLU C 45 24.44 -0.41 3.48
CA GLU C 45 25.11 0.74 4.05
C GLU C 45 26.09 0.30 5.13
N ILE C 46 27.25 0.93 5.16
CA ILE C 46 28.35 0.54 6.04
C ILE C 46 28.75 1.76 6.86
N GLU C 47 29.21 1.52 8.09
CA GLU C 47 29.43 2.56 9.08
C GLU C 47 30.81 3.20 8.91
N GLN C 48 30.99 4.34 9.60
CA GLN C 48 32.31 4.75 10.03
C GLN C 48 32.79 3.77 11.08
N GLN C 49 33.97 4.02 11.66
CA GLN C 49 34.48 3.09 12.67
C GLN C 49 34.53 1.65 12.16
N ASP C 50 33.67 1.33 11.20
CA ASP C 50 33.54 0.04 10.55
C ASP C 50 34.01 0.12 9.10
N SER C 51 35.06 0.88 8.83
CA SER C 51 35.46 1.14 7.45
C SER C 51 36.70 1.99 7.47
N ILE C 52 37.26 2.21 6.29
CA ILE C 52 38.48 2.98 6.10
C ILE C 52 38.74 3.12 4.61
N VAL C 53 38.82 4.34 4.14
CA VAL C 53 38.85 4.64 2.71
C VAL C 53 40.08 5.51 2.44
N ALA C 54 40.92 5.04 1.52
CA ALA C 54 42.36 5.20 1.66
C ALA C 54 42.70 4.66 3.04
N GLY C 55 43.10 5.54 3.94
CA GLY C 55 43.37 5.14 5.31
C GLY C 55 42.58 5.91 6.35
N GLN C 56 41.41 6.39 5.97
CA GLN C 56 40.60 7.27 6.81
C GLN C 56 39.42 6.47 7.34
N VAL C 57 39.40 6.21 8.65
CA VAL C 57 38.24 5.57 9.24
C VAL C 57 37.01 6.41 8.94
N GLY C 58 36.04 5.80 8.31
CA GLY C 58 34.75 6.41 8.13
C GLY C 58 34.60 7.30 6.92
N ALA C 59 35.67 7.66 6.23
CA ALA C 59 35.47 8.55 5.09
C ALA C 59 34.60 7.88 4.02
N GLU C 60 34.03 8.70 3.13
CA GLU C 60 33.12 8.19 2.11
C GLU C 60 33.71 7.00 1.37
N PHE C 61 32.84 6.10 0.93
CA PHE C 61 33.24 5.22 -0.18
C PHE C 61 32.02 4.51 -0.71
N VAL C 62 32.12 4.09 -1.97
CA VAL C 62 31.19 3.13 -2.53
C VAL C 62 31.98 2.00 -3.19
N ASN C 63 31.44 0.80 -3.13
CA ASN C 63 32.07 -0.32 -3.81
C ASN C 63 31.00 -1.14 -4.49
N ILE C 64 31.20 -1.44 -5.76
CA ILE C 64 30.23 -2.22 -6.54
C ILE C 64 30.88 -3.50 -7.00
N VAL C 65 30.11 -4.61 -6.97
CA VAL C 65 30.58 -5.94 -7.29
C VAL C 65 29.72 -6.54 -8.40
N ALA C 66 29.90 -6.04 -9.61
CA ALA C 66 28.97 -6.33 -10.69
C ALA C 66 29.27 -7.73 -11.23
N PHE C 67 28.55 -8.72 -10.73
CA PHE C 67 28.61 -10.02 -11.38
C PHE C 67 27.91 -9.94 -12.72
N LEU C 68 28.54 -10.54 -13.71
CA LEU C 68 28.06 -10.48 -15.08
C LEU C 68 28.07 -11.88 -15.65
N LEU C 69 27.25 -12.11 -16.67
CA LEU C 69 27.38 -13.28 -17.53
C LEU C 69 28.39 -12.95 -18.64
N ALA C 70 29.66 -13.22 -18.34
CA ALA C 70 30.76 -13.17 -19.30
C ALA C 70 30.34 -13.45 -20.73
N GLY C 71 30.76 -12.58 -21.65
CA GLY C 71 30.37 -12.71 -23.04
C GLY C 71 30.33 -11.37 -23.72
N ARG C 72 30.93 -10.34 -23.11
CA ARG C 72 30.96 -9.00 -23.69
C ARG C 72 32.38 -8.45 -23.61
N ASN C 73 32.69 -7.53 -24.53
CA ASN C 73 33.99 -6.87 -24.59
C ASN C 73 34.28 -6.08 -23.33
N ASP C 74 35.24 -5.17 -23.41
CA ASP C 74 35.55 -4.26 -22.33
C ASP C 74 35.42 -2.78 -22.71
N GLU C 75 35.25 -2.47 -23.99
CA GLU C 75 34.72 -1.16 -24.32
C GLU C 75 33.35 -0.99 -23.68
N VAL C 76 32.52 -2.03 -23.77
CA VAL C 76 31.22 -2.05 -23.14
C VAL C 76 31.30 -2.23 -21.64
N LYS C 77 32.49 -2.45 -21.08
CA LYS C 77 32.59 -2.53 -19.63
C LYS C 77 32.98 -1.18 -19.04
N ALA C 78 34.04 -0.58 -19.57
CA ALA C 78 34.32 0.81 -19.27
C ALA C 78 33.10 1.69 -19.49
N ASN C 79 32.34 1.37 -20.53
CA ASN C 79 31.12 2.13 -20.85
C ASN C 79 30.10 2.07 -19.74
N PHE C 80 30.19 1.05 -18.90
CA PHE C 80 29.39 0.98 -17.70
C PHE C 80 30.09 1.64 -16.54
N LEU C 81 31.40 1.44 -16.42
CA LEU C 81 32.12 1.97 -15.28
C LEU C 81 31.99 3.48 -15.21
N ALA C 82 32.20 4.14 -16.35
CA ALA C 82 32.04 5.58 -16.45
C ALA C 82 30.69 6.03 -15.90
N ALA C 83 29.62 5.37 -16.35
CA ALA C 83 28.28 5.84 -16.02
C ALA C 83 27.93 5.58 -14.56
N ILE C 84 27.97 4.32 -14.15
CA ILE C 84 27.61 3.96 -12.77
C ILE C 84 28.39 4.81 -11.80
N ASN C 85 29.63 5.19 -12.18
CA ASN C 85 30.37 6.15 -11.38
C ASN C 85 29.58 7.45 -11.21
N LYS C 86 28.81 7.82 -12.22
CA LYS C 86 28.11 9.09 -12.16
C LYS C 86 26.82 8.95 -11.41
N THR C 87 26.01 7.95 -11.77
CA THR C 87 24.84 7.59 -10.96
C THR C 87 25.19 7.64 -9.49
N ALA C 88 26.33 7.07 -9.14
CA ALA C 88 26.77 7.08 -7.75
C ALA C 88 27.10 8.50 -7.28
N VAL C 89 28.03 9.16 -7.99
CA VAL C 89 28.51 10.47 -7.54
C VAL C 89 27.34 11.40 -7.25
N THR C 90 26.27 11.28 -8.03
CA THR C 90 25.22 12.28 -8.00
C THR C 90 23.95 11.85 -7.27
N THR C 91 23.52 10.59 -7.43
CA THR C 91 22.38 10.13 -6.63
C THR C 91 22.72 10.08 -5.16
N LEU C 92 24.00 10.07 -4.85
CA LEU C 92 24.48 9.82 -3.52
C LEU C 92 25.41 10.91 -3.01
N ASP C 93 25.64 11.96 -3.81
CA ASP C 93 26.64 12.98 -3.53
C ASP C 93 27.94 12.33 -3.03
N VAL C 94 28.51 11.47 -3.86
CA VAL C 94 29.84 10.95 -3.63
C VAL C 94 30.80 11.77 -4.48
N SER C 95 32.03 11.90 -3.99
CA SER C 95 33.12 12.42 -4.77
C SER C 95 33.34 11.56 -5.99
N ASP C 96 33.90 12.18 -7.02
CA ASP C 96 34.37 11.43 -8.18
C ASP C 96 35.25 10.25 -7.79
N SER C 97 36.01 10.37 -6.71
CA SER C 97 37.27 9.65 -6.52
C SER C 97 37.19 8.38 -5.69
N CYS C 98 36.08 8.12 -5.02
CA CYS C 98 36.05 7.16 -3.92
C CYS C 98 35.10 5.99 -4.15
N ILE C 99 34.57 5.83 -5.36
CA ILE C 99 33.92 4.58 -5.71
C ILE C 99 34.94 3.65 -6.34
N ARG C 100 34.97 2.40 -5.89
CA ARG C 100 35.67 1.37 -6.63
C ARG C 100 34.65 0.39 -7.15
N THR C 101 34.87 -0.09 -8.36
CA THR C 101 33.97 -1.06 -8.98
C THR C 101 34.74 -2.24 -9.54
N MET C 102 34.39 -3.42 -9.06
CA MET C 102 34.95 -4.69 -9.49
C MET C 102 33.86 -5.41 -10.28
N LEU C 103 34.07 -5.53 -11.58
CA LEU C 103 33.20 -6.35 -12.40
C LEU C 103 33.73 -7.77 -12.46
N ILE C 104 32.85 -8.72 -12.25
CA ILE C 104 33.17 -10.13 -12.15
C ILE C 104 32.50 -10.80 -13.33
N ASP C 105 33.19 -11.71 -13.97
CA ASP C 105 32.61 -12.42 -15.10
C ASP C 105 32.30 -13.83 -14.66
N ILE C 106 31.14 -14.32 -15.03
CA ILE C 106 30.64 -15.58 -14.52
C ILE C 106 30.35 -16.50 -15.68
N ALA C 107 30.98 -17.68 -15.67
CA ALA C 107 30.70 -18.63 -16.71
C ALA C 107 29.24 -19.06 -16.63
N PRO C 108 28.57 -19.25 -17.76
CA PRO C 108 27.20 -19.75 -17.70
C PRO C 108 27.09 -21.03 -16.91
N GLU C 109 28.02 -21.95 -17.10
CA GLU C 109 28.03 -23.15 -16.29
C GLU C 109 28.07 -22.83 -14.80
N HIS C 110 28.46 -21.60 -14.44
CA HIS C 110 28.81 -21.24 -13.09
C HIS C 110 27.83 -20.27 -12.42
N MET C 111 26.76 -19.86 -13.09
CA MET C 111 25.78 -18.98 -12.48
C MET C 111 24.47 -19.70 -12.26
N GLY C 112 23.93 -19.60 -11.04
CA GLY C 112 22.65 -20.20 -10.72
C GLY C 112 21.54 -19.22 -11.01
N VAL C 113 20.58 -19.66 -11.83
CA VAL C 113 19.50 -18.81 -12.32
C VAL C 113 18.14 -19.46 -12.04
N GLN C 114 17.09 -18.95 -12.69
CA GLN C 114 15.72 -19.39 -12.41
C GLN C 114 15.60 -20.91 -12.40
N GLU C 115 15.04 -21.42 -11.31
CA GLU C 115 14.65 -22.83 -11.10
C GLU C 115 15.88 -23.75 -10.97
N GLY C 116 16.89 -23.29 -10.26
CA GLY C 116 17.98 -24.17 -9.90
C GLY C 116 18.87 -24.56 -11.04
N LEU C 117 18.87 -23.80 -12.10
CA LEU C 117 19.69 -24.11 -13.27
C LEU C 117 20.99 -23.34 -13.20
N SER C 118 21.97 -23.83 -13.96
CA SER C 118 23.10 -23.00 -14.35
C SER C 118 22.64 -22.05 -15.43
N ALA C 119 23.44 -21.02 -15.68
CA ALA C 119 23.04 -20.13 -16.76
C ALA C 119 23.07 -20.81 -18.13
N ALA C 120 23.86 -21.88 -18.30
CA ALA C 120 24.07 -22.43 -19.64
C ALA C 120 22.81 -23.08 -20.18
N ALA C 121 22.03 -23.72 -19.31
CA ALA C 121 20.96 -24.61 -19.75
C ALA C 121 19.75 -23.86 -20.27
N PHE C 122 19.92 -22.64 -20.75
CA PHE C 122 18.88 -21.97 -21.52
C PHE C 122 19.23 -22.11 -23.01
N PRO D 2 11.37 -28.84 -41.19
CA PRO D 2 11.17 -27.72 -42.10
C PRO D 2 11.25 -28.15 -43.55
N ILE D 3 10.86 -27.27 -44.46
CA ILE D 3 11.05 -27.48 -45.89
C ILE D 3 11.75 -26.26 -46.45
N LEU D 4 13.03 -26.39 -46.75
CA LEU D 4 13.74 -25.34 -47.43
C LEU D 4 13.69 -25.64 -48.92
N GLN D 5 13.26 -24.67 -49.70
CA GLN D 5 13.46 -24.68 -51.14
C GLN D 5 14.41 -23.52 -51.41
N VAL D 6 15.62 -23.85 -51.85
CA VAL D 6 16.68 -22.88 -52.03
C VAL D 6 16.95 -22.69 -53.53
N GLN D 7 17.53 -21.55 -53.88
CA GLN D 7 17.88 -21.21 -55.25
C GLN D 7 19.20 -20.44 -55.21
N VAL D 8 20.22 -20.99 -55.87
CA VAL D 8 21.60 -20.49 -55.72
C VAL D 8 22.17 -20.19 -57.10
N THR D 9 22.72 -18.98 -57.26
CA THR D 9 23.38 -18.62 -58.49
C THR D 9 24.30 -19.75 -58.93
N ALA D 10 24.11 -20.18 -60.17
CA ALA D 10 24.85 -21.27 -60.76
C ALA D 10 26.36 -21.11 -60.69
N GLY D 11 27.09 -22.10 -61.17
CA GLY D 11 28.53 -22.11 -61.13
C GLY D 11 29.11 -23.15 -60.20
N ARG D 12 28.27 -24.01 -59.63
CA ARG D 12 28.59 -24.80 -58.46
C ARG D 12 28.81 -26.25 -58.83
N SER D 13 29.45 -26.99 -57.92
CA SER D 13 29.79 -28.38 -58.11
C SER D 13 28.94 -29.26 -57.23
N GLN D 14 29.02 -30.58 -57.48
CA GLN D 14 28.34 -31.53 -56.62
C GLN D 14 28.84 -31.43 -55.19
N GLN D 15 30.13 -31.17 -55.01
CA GLN D 15 30.72 -31.20 -53.69
C GLN D 15 30.21 -30.04 -52.84
N GLN D 16 30.13 -28.85 -53.43
CA GLN D 16 29.59 -27.72 -52.70
C GLN D 16 28.08 -27.86 -52.49
N LYS D 17 27.36 -28.21 -53.56
CA LYS D 17 25.92 -28.37 -53.43
C LYS D 17 25.61 -29.32 -52.29
N THR D 18 26.19 -30.52 -52.36
CA THR D 18 25.86 -31.56 -51.39
C THR D 18 26.39 -31.20 -50.00
N ALA D 19 27.56 -30.54 -49.94
CA ALA D 19 28.07 -29.96 -48.71
C ALA D 19 27.33 -28.71 -48.31
N PHE D 20 26.28 -28.34 -49.03
CA PHE D 20 25.28 -27.43 -48.50
C PHE D 20 24.01 -28.15 -48.08
N LEU D 21 23.68 -29.22 -48.78
CA LEU D 21 22.48 -29.98 -48.46
C LEU D 21 22.58 -30.54 -47.05
N GLN D 22 23.75 -31.07 -46.67
CA GLN D 22 23.89 -31.72 -45.38
C GLN D 22 24.50 -30.82 -44.31
N ASN D 23 25.32 -29.85 -44.70
CA ASN D 23 25.65 -28.72 -43.83
C ASN D 23 24.53 -27.69 -43.77
N ALA D 24 23.37 -28.04 -44.33
CA ALA D 24 22.08 -27.40 -44.13
C ALA D 24 21.17 -28.23 -43.25
N THR D 25 21.06 -29.53 -43.55
CA THR D 25 20.22 -30.44 -42.76
C THR D 25 20.68 -30.49 -41.31
N LYS D 26 21.99 -30.67 -41.08
CA LYS D 26 22.45 -30.84 -39.71
C LYS D 26 22.21 -29.58 -38.89
N VAL D 27 22.54 -28.42 -39.45
CA VAL D 27 22.31 -27.17 -38.72
C VAL D 27 20.82 -26.90 -38.53
N ILE D 28 19.97 -27.42 -39.42
CA ILE D 28 18.54 -27.40 -39.16
C ILE D 28 18.23 -28.19 -37.90
N GLU D 29 18.78 -29.41 -37.80
CA GLU D 29 18.68 -30.19 -36.56
C GLU D 29 19.11 -29.38 -35.36
N GLN D 30 20.14 -28.55 -35.53
CA GLN D 30 20.91 -28.04 -34.42
C GLN D 30 20.55 -26.61 -34.03
N THR D 31 19.69 -25.93 -34.79
CA THR D 31 19.11 -24.71 -34.28
C THR D 31 17.65 -24.95 -33.88
N LEU D 32 16.75 -24.94 -34.86
CA LEU D 32 15.32 -24.99 -34.58
C LEU D 32 14.90 -26.36 -34.06
N ASN D 33 13.63 -26.73 -34.24
CA ASN D 33 13.21 -28.03 -33.75
C ASN D 33 13.91 -29.12 -34.56
N ALA D 34 13.27 -29.52 -35.67
CA ALA D 34 13.88 -30.44 -36.61
C ALA D 34 14.17 -31.77 -35.96
N ALA D 35 13.19 -32.66 -35.98
CA ALA D 35 13.46 -34.03 -35.55
C ALA D 35 14.49 -34.63 -36.50
N LEU D 36 14.04 -34.99 -37.69
CA LEU D 36 14.85 -35.56 -38.75
C LEU D 36 13.91 -35.85 -39.90
N PRO D 37 12.92 -36.75 -39.75
CA PRO D 37 12.00 -36.95 -40.87
C PRO D 37 11.10 -35.75 -41.03
N SER D 38 11.60 -34.57 -40.66
CA SER D 38 10.92 -33.32 -40.91
C SER D 38 11.70 -32.36 -41.78
N ILE D 39 12.90 -32.74 -42.23
CA ILE D 39 13.86 -31.79 -42.82
C ILE D 39 13.98 -32.05 -44.31
N ARG D 40 13.46 -31.11 -45.11
CA ARG D 40 13.59 -31.05 -46.56
C ARG D 40 14.51 -29.90 -46.94
N ILE D 41 15.35 -30.10 -47.95
CA ILE D 41 16.08 -28.98 -48.55
C ILE D 41 16.28 -29.27 -50.02
N SER D 42 15.39 -28.75 -50.84
CA SER D 42 15.51 -28.84 -52.29
C SER D 42 16.31 -27.66 -52.78
N LEU D 43 17.02 -27.83 -53.87
CA LEU D 43 17.91 -26.81 -54.39
C LEU D 43 17.61 -26.58 -55.86
N HIS D 44 17.77 -25.33 -56.30
CA HIS D 44 17.56 -24.96 -57.70
C HIS D 44 18.70 -24.04 -58.11
N GLU D 45 19.47 -24.46 -59.10
CA GLU D 45 20.67 -23.74 -59.50
C GLU D 45 20.28 -22.68 -60.52
N ILE D 46 20.31 -21.42 -60.14
CA ILE D 46 19.72 -20.33 -60.92
C ILE D 46 20.80 -19.65 -61.75
N GLU D 47 20.56 -19.56 -63.06
CA GLU D 47 21.56 -19.05 -63.99
C GLU D 47 21.63 -17.54 -63.86
N GLN D 48 22.72 -17.04 -63.28
CA GLN D 48 23.00 -15.62 -63.35
C GLN D 48 22.57 -15.07 -64.71
N GLN D 49 21.91 -13.94 -64.70
CA GLN D 49 21.23 -13.32 -65.83
C GLN D 49 19.87 -13.95 -66.08
N ASP D 50 19.53 -15.05 -65.43
CA ASP D 50 18.13 -15.35 -65.18
C ASP D 50 17.62 -14.64 -63.95
N SER D 51 18.34 -13.63 -63.49
CA SER D 51 18.03 -12.97 -62.22
C SER D 51 18.96 -11.80 -62.00
N ILE D 52 18.39 -10.62 -61.76
CA ILE D 52 19.16 -9.45 -61.35
C ILE D 52 19.02 -9.27 -59.86
N VAL D 53 20.12 -8.88 -59.20
CA VAL D 53 20.11 -8.52 -57.80
C VAL D 53 20.72 -7.13 -57.67
N ALA D 54 19.91 -6.18 -57.19
CA ALA D 54 20.22 -4.76 -57.04
C ALA D 54 20.09 -4.04 -58.37
N GLY D 55 21.22 -3.73 -58.98
CA GLY D 55 21.22 -3.22 -60.35
C GLY D 55 21.87 -4.21 -61.28
N GLN D 56 22.54 -5.21 -60.72
CA GLN D 56 23.31 -6.17 -61.49
C GLN D 56 22.47 -7.37 -61.89
N VAL D 57 22.32 -7.59 -63.19
CA VAL D 57 21.85 -8.89 -63.67
C VAL D 57 22.93 -9.94 -63.42
N GLY D 58 22.53 -11.08 -62.87
CA GLY D 58 23.47 -12.14 -62.64
C GLY D 58 24.36 -11.99 -61.44
N ALA D 59 24.12 -11.00 -60.57
CA ALA D 59 24.90 -10.89 -59.35
C ALA D 59 24.76 -12.16 -58.51
N GLU D 60 25.67 -12.30 -57.57
CA GLU D 60 25.70 -13.50 -56.75
C GLU D 60 24.69 -13.40 -55.61
N PHE D 61 23.86 -14.44 -55.45
CA PHE D 61 22.90 -14.47 -54.36
C PHE D 61 22.62 -15.89 -53.94
N VAL D 62 21.90 -16.03 -52.82
CA VAL D 62 21.13 -17.23 -52.53
C VAL D 62 19.79 -16.82 -51.94
N ASN D 63 18.76 -17.58 -52.25
CA ASN D 63 17.46 -17.43 -51.61
C ASN D 63 17.10 -18.76 -50.98
N ILE D 64 16.66 -18.75 -49.73
CA ILE D 64 16.40 -19.96 -48.95
C ILE D 64 14.98 -19.87 -48.42
N VAL D 65 14.06 -20.54 -49.09
CA VAL D 65 12.74 -20.75 -48.52
C VAL D 65 12.84 -21.74 -47.37
N ALA D 66 12.31 -21.35 -46.22
CA ALA D 66 12.12 -22.25 -45.10
C ALA D 66 10.65 -22.27 -44.77
N PHE D 67 10.08 -23.45 -44.71
CA PHE D 67 8.67 -23.63 -44.34
C PHE D 67 8.67 -24.41 -43.04
N LEU D 68 8.47 -23.72 -41.93
CA LEU D 68 8.34 -24.38 -40.63
C LEU D 68 6.89 -24.45 -40.23
N LEU D 69 6.52 -25.57 -39.63
CA LEU D 69 5.24 -25.65 -38.94
C LEU D 69 5.22 -24.66 -37.79
N ALA D 70 4.07 -24.05 -37.56
CA ALA D 70 3.93 -23.20 -36.38
C ALA D 70 4.24 -24.06 -35.15
N GLY D 71 5.35 -23.75 -34.46
CA GLY D 71 5.81 -24.59 -33.37
C GLY D 71 7.09 -24.13 -32.72
N ARG D 72 7.60 -22.95 -33.09
CA ARG D 72 8.81 -22.40 -32.47
C ARG D 72 8.71 -20.89 -32.30
N ASN D 73 9.65 -20.35 -31.54
CA ASN D 73 9.82 -18.95 -31.18
C ASN D 73 10.82 -18.24 -32.10
N ASP D 74 10.86 -16.91 -31.96
CA ASP D 74 11.72 -16.06 -32.80
C ASP D 74 13.20 -16.25 -32.51
N GLU D 75 13.57 -16.58 -31.28
CA GLU D 75 14.98 -16.57 -30.92
C GLU D 75 15.75 -17.59 -31.74
N VAL D 76 15.34 -18.85 -31.67
CA VAL D 76 16.04 -19.87 -32.42
C VAL D 76 15.87 -19.65 -33.90
N LYS D 77 14.86 -18.88 -34.29
CA LYS D 77 14.76 -18.46 -35.67
C LYS D 77 15.97 -17.62 -36.05
N ALA D 78 16.31 -16.63 -35.25
CA ALA D 78 17.56 -15.93 -35.52
C ALA D 78 18.76 -16.83 -35.36
N ASN D 79 18.63 -17.93 -34.61
CA ASN D 79 19.72 -18.90 -34.57
C ASN D 79 19.98 -19.49 -35.94
N PHE D 80 19.02 -20.25 -36.44
CA PHE D 80 19.12 -20.82 -37.77
C PHE D 80 19.47 -19.75 -38.78
N LEU D 81 18.92 -18.55 -38.62
CA LEU D 81 19.29 -17.44 -39.49
C LEU D 81 20.78 -17.18 -39.42
N ALA D 82 21.37 -17.30 -38.23
CA ALA D 82 22.79 -17.05 -38.12
C ALA D 82 23.59 -18.19 -38.74
N ALA D 83 23.39 -19.39 -38.22
CA ALA D 83 24.25 -20.53 -38.53
C ALA D 83 24.20 -20.88 -40.00
N ILE D 84 23.04 -20.75 -40.63
CA ILE D 84 22.89 -21.35 -41.95
C ILE D 84 23.21 -20.35 -43.06
N ASN D 85 22.97 -19.05 -42.82
CA ASN D 85 23.65 -18.05 -43.63
C ASN D 85 25.14 -18.35 -43.61
N LYS D 86 25.67 -18.61 -42.43
CA LYS D 86 27.07 -19.02 -42.36
C LYS D 86 27.31 -20.35 -43.07
N THR D 87 26.28 -21.19 -43.25
CA THR D 87 26.47 -22.39 -44.05
C THR D 87 26.64 -22.04 -45.51
N ALA D 88 25.77 -21.20 -46.05
CA ALA D 88 25.95 -20.79 -47.43
C ALA D 88 27.28 -20.10 -47.61
N VAL D 89 27.68 -19.32 -46.62
CA VAL D 89 28.96 -18.61 -46.64
C VAL D 89 30.13 -19.55 -46.39
N THR D 90 29.88 -20.76 -45.93
CA THR D 90 30.96 -21.70 -45.71
C THR D 90 31.11 -22.74 -46.81
N THR D 91 30.03 -23.08 -47.50
CA THR D 91 30.02 -24.22 -48.39
C THR D 91 29.71 -23.87 -49.83
N LEU D 92 29.10 -22.72 -50.07
CA LEU D 92 28.90 -22.22 -51.42
C LEU D 92 29.71 -20.96 -51.69
N ASP D 93 30.38 -20.43 -50.67
CA ASP D 93 31.31 -19.31 -50.77
C ASP D 93 30.69 -18.07 -51.41
N VAL D 94 29.37 -17.96 -51.41
CA VAL D 94 28.71 -16.78 -51.95
C VAL D 94 28.90 -15.63 -50.98
N SER D 95 28.56 -14.41 -51.41
CA SER D 95 29.02 -13.20 -50.73
C SER D 95 28.50 -13.10 -49.30
N ASP D 96 29.06 -12.12 -48.59
CA ASP D 96 28.78 -11.92 -47.17
C ASP D 96 27.29 -11.80 -46.88
N SER D 97 26.51 -11.35 -47.87
CA SER D 97 25.13 -10.94 -47.64
C SER D 97 24.28 -11.18 -48.86
N CYS D 98 24.30 -12.39 -49.42
CA CYS D 98 23.48 -12.59 -50.61
C CYS D 98 22.50 -13.74 -50.46
N ILE D 99 22.32 -14.26 -49.25
CA ILE D 99 21.35 -15.30 -48.96
C ILE D 99 20.21 -14.70 -48.15
N ARG D 100 18.97 -14.90 -48.61
CA ARG D 100 17.78 -14.40 -47.95
C ARG D 100 16.99 -15.59 -47.44
N THR D 101 16.75 -15.63 -46.13
CA THR D 101 16.00 -16.72 -45.53
C THR D 101 14.57 -16.28 -45.26
N MET D 102 13.62 -16.97 -45.87
CA MET D 102 12.21 -16.71 -45.62
C MET D 102 11.71 -17.79 -44.67
N LEU D 103 11.59 -17.43 -43.40
CA LEU D 103 10.96 -18.31 -42.42
C LEU D 103 9.46 -18.20 -42.55
N ILE D 104 8.81 -19.27 -42.94
CA ILE D 104 7.43 -19.20 -43.36
C ILE D 104 6.63 -20.19 -42.54
N ASP D 105 5.68 -19.66 -41.77
CA ASP D 105 5.00 -20.42 -40.74
C ASP D 105 3.76 -21.07 -41.31
N ILE D 106 3.62 -22.37 -41.08
CA ILE D 106 2.46 -23.13 -41.49
C ILE D 106 1.77 -23.63 -40.21
N ALA D 107 0.45 -23.46 -40.15
CA ALA D 107 -0.34 -24.11 -39.11
C ALA D 107 -0.49 -25.59 -39.45
N PRO D 108 -0.37 -26.45 -38.46
CA PRO D 108 -0.58 -27.89 -38.68
C PRO D 108 -1.74 -28.20 -39.60
N GLU D 109 -2.76 -27.36 -39.59
CA GLU D 109 -3.99 -27.62 -40.32
C GLU D 109 -3.84 -27.43 -41.83
N HIS D 110 -2.68 -26.97 -42.31
CA HIS D 110 -2.49 -26.63 -43.72
C HIS D 110 -1.34 -27.38 -44.38
N MET D 111 -0.63 -28.23 -43.67
CA MET D 111 0.47 -28.98 -44.28
C MET D 111 0.08 -30.45 -44.34
N GLY D 112 -0.12 -30.96 -45.54
CA GLY D 112 -0.35 -32.37 -45.66
C GLY D 112 0.95 -33.01 -45.24
N VAL D 113 0.94 -33.85 -44.20
CA VAL D 113 2.16 -34.55 -43.79
C VAL D 113 2.07 -35.97 -44.28
N GLN D 114 2.55 -36.91 -43.46
CA GLN D 114 2.64 -38.29 -43.87
C GLN D 114 1.24 -38.81 -44.13
N GLU D 115 1.01 -39.21 -45.39
CA GLU D 115 -0.20 -39.85 -45.90
C GLU D 115 -1.28 -38.83 -46.19
N GLY D 116 -0.90 -37.61 -46.54
CA GLY D 116 -1.87 -36.62 -46.97
C GLY D 116 -2.78 -36.12 -45.88
N LEU D 117 -2.70 -36.67 -44.69
CA LEU D 117 -3.31 -36.03 -43.54
C LEU D 117 -2.58 -34.72 -43.25
N SER D 118 -3.26 -33.80 -42.59
CA SER D 118 -2.63 -32.52 -42.30
C SER D 118 -1.58 -32.70 -41.22
N ALA D 119 -0.73 -31.69 -41.09
CA ALA D 119 0.26 -31.70 -40.01
C ALA D 119 -0.41 -31.62 -38.63
N ALA D 120 -1.72 -31.44 -38.59
CA ALA D 120 -2.49 -31.54 -37.36
C ALA D 120 -3.04 -32.92 -37.12
N ALA D 121 -3.19 -33.73 -38.18
CA ALA D 121 -3.71 -35.06 -38.03
C ALA D 121 -2.74 -36.01 -37.34
N PHE D 122 -1.44 -35.73 -37.40
CA PHE D 122 -0.51 -36.32 -36.45
C PHE D 122 -0.58 -35.62 -35.10
N ARG D 123 -1.21 -34.45 -35.06
CA ARG D 123 -1.01 -33.45 -34.04
C ARG D 123 0.47 -33.26 -33.73
N PRO E 2 -3.06 7.30 21.56
CA PRO E 2 -2.18 6.39 22.26
C PRO E 2 -0.93 6.06 21.45
N ILE E 3 0.12 6.86 21.57
CA ILE E 3 1.33 6.51 20.87
C ILE E 3 1.98 5.34 21.59
N LEU E 4 2.34 4.31 20.85
CA LEU E 4 2.82 3.06 21.44
C LEU E 4 4.22 2.75 20.97
N GLN E 5 5.02 2.17 21.86
CA GLN E 5 6.39 1.76 21.56
C GLN E 5 6.57 0.34 22.07
N VAL E 6 6.95 -0.55 21.17
CA VAL E 6 6.93 -2.00 21.42
C VAL E 6 8.34 -2.54 21.28
N GLN E 7 8.75 -3.38 22.23
CA GLN E 7 9.89 -4.26 22.00
C GLN E 7 9.40 -5.69 21.97
N VAL E 8 10.15 -6.54 21.26
CA VAL E 8 9.84 -7.95 21.10
C VAL E 8 11.13 -8.68 20.80
N THR E 9 11.29 -9.86 21.36
CA THR E 9 12.39 -10.70 20.95
C THR E 9 12.39 -10.83 19.42
N ALA E 10 13.56 -10.65 18.81
CA ALA E 10 13.54 -10.60 17.36
C ALA E 10 13.30 -11.98 16.78
N GLY E 11 12.95 -12.02 15.49
CA GLY E 11 12.84 -13.29 14.79
C GLY E 11 11.48 -13.62 14.23
N ARG E 12 10.81 -12.62 13.70
CA ARG E 12 9.47 -12.75 13.17
C ARG E 12 9.47 -12.34 11.70
N SER E 13 8.61 -12.95 10.92
CA SER E 13 8.43 -12.45 9.56
C SER E 13 7.84 -11.06 9.61
N GLN E 14 7.99 -10.32 8.51
CA GLN E 14 7.49 -8.95 8.48
C GLN E 14 6.00 -8.88 8.64
N GLN E 15 5.30 -10.00 8.49
CA GLN E 15 3.85 -10.00 8.44
C GLN E 15 3.21 -10.39 9.76
N GLN E 16 3.89 -11.23 10.53
CA GLN E 16 3.68 -11.23 11.97
C GLN E 16 3.76 -9.78 12.42
N LYS E 17 4.96 -9.22 12.35
CA LYS E 17 5.21 -7.83 12.74
C LYS E 17 4.35 -6.83 12.02
N THR E 18 3.68 -7.21 10.94
CA THR E 18 2.89 -6.27 10.16
C THR E 18 1.43 -6.31 10.57
N ALA E 19 0.76 -7.43 10.35
CA ALA E 19 -0.62 -7.52 10.80
C ALA E 19 -0.72 -7.18 12.27
N PHE E 20 0.34 -7.43 13.04
CA PHE E 20 0.43 -6.91 14.39
C PHE E 20 0.01 -5.45 14.45
N LEU E 21 0.90 -4.56 14.05
CA LEU E 21 0.59 -3.14 14.06
C LEU E 21 -0.79 -2.91 13.50
N GLN E 22 -1.20 -3.78 12.57
CA GLN E 22 -2.43 -3.56 11.85
C GLN E 22 -3.67 -3.86 12.69
N ASN E 23 -3.52 -4.65 13.75
CA ASN E 23 -4.65 -4.96 14.61
C ASN E 23 -4.39 -4.56 16.05
N ALA E 24 -3.21 -4.08 16.37
CA ALA E 24 -3.05 -3.30 17.58
C ALA E 24 -3.55 -1.89 17.32
N THR E 25 -3.47 -1.44 16.07
CA THR E 25 -4.16 -0.23 15.68
C THR E 25 -5.67 -0.46 15.72
N LYS E 26 -6.11 -1.62 15.24
CA LYS E 26 -7.55 -1.90 15.21
C LYS E 26 -8.08 -2.15 16.61
N VAL E 27 -7.30 -2.82 17.44
CA VAL E 27 -7.69 -3.05 18.82
C VAL E 27 -7.59 -1.77 19.63
N ILE E 28 -6.76 -0.83 19.18
CA ILE E 28 -6.62 0.41 19.94
C ILE E 28 -7.75 1.37 19.62
N GLU E 29 -8.17 1.46 18.36
CA GLU E 29 -9.50 2.02 18.12
C GLU E 29 -10.51 1.29 18.99
N GLN E 30 -10.67 -0.01 18.74
CA GLN E 30 -11.69 -0.83 19.40
C GLN E 30 -11.76 -0.64 20.91
N THR E 31 -10.73 -0.08 21.51
CA THR E 31 -10.64 0.10 22.96
C THR E 31 -10.77 1.58 23.37
N LEU E 32 -11.70 2.27 22.69
CA LEU E 32 -12.36 3.51 23.09
C LEU E 32 -11.48 4.76 23.09
N ASN E 33 -12.07 5.85 22.56
CA ASN E 33 -11.48 7.18 22.37
C ASN E 33 -10.34 7.14 21.35
N ALA E 34 -10.07 8.31 20.74
CA ALA E 34 -9.15 8.46 19.63
C ALA E 34 -9.66 7.67 18.43
N ALA E 35 -10.12 8.38 17.39
CA ALA E 35 -10.65 7.71 16.22
C ALA E 35 -9.56 6.93 15.51
N LEU E 36 -8.54 7.65 15.07
CA LEU E 36 -7.31 7.09 14.55
C LEU E 36 -6.21 8.13 14.74
N PRO E 37 -6.28 9.32 14.10
CA PRO E 37 -5.07 10.11 13.85
C PRO E 37 -4.06 10.21 14.99
N SER E 38 -4.46 9.80 16.19
CA SER E 38 -3.61 9.86 17.37
C SER E 38 -2.94 8.53 17.70
N ILE E 39 -3.49 7.44 17.19
CA ILE E 39 -2.98 6.11 17.49
C ILE E 39 -1.76 5.86 16.61
N ARG E 40 -0.62 5.62 17.23
CA ARG E 40 0.56 5.21 16.50
C ARG E 40 1.23 4.04 17.21
N ILE E 41 2.06 3.30 16.47
CA ILE E 41 2.72 2.11 16.99
C ILE E 41 4.11 2.06 16.39
N SER E 42 5.11 1.87 17.23
CA SER E 42 6.45 1.56 16.78
C SER E 42 6.78 0.14 17.21
N LEU E 43 7.43 -0.62 16.35
CA LEU E 43 8.00 -1.89 16.75
C LEU E 43 9.52 -1.85 16.65
N HIS E 44 10.21 -2.35 17.68
CA HIS E 44 11.66 -2.41 17.74
C HIS E 44 12.06 -3.80 18.21
N GLU E 45 12.50 -4.67 17.30
CA GLU E 45 12.89 -6.03 17.70
C GLU E 45 14.27 -6.05 18.33
N ILE E 46 14.41 -6.87 19.36
CA ILE E 46 15.63 -6.93 20.15
C ILE E 46 16.20 -8.34 20.00
N GLU E 47 17.52 -8.42 19.97
CA GLU E 47 18.19 -9.70 19.86
C GLU E 47 18.13 -10.41 21.19
N GLN E 48 18.00 -11.73 21.14
CA GLN E 48 18.39 -12.52 22.28
C GLN E 48 19.78 -12.04 22.63
N GLN E 49 20.30 -12.38 23.79
CA GLN E 49 21.62 -11.94 24.22
C GLN E 49 21.78 -10.42 24.20
N ASP E 50 20.76 -9.70 23.73
CA ASP E 50 20.53 -8.32 24.14
C ASP E 50 19.27 -8.21 24.99
N SER E 51 18.70 -9.35 25.34
CA SER E 51 17.50 -9.48 26.16
C SER E 51 17.78 -10.44 27.28
N ILE E 52 16.79 -10.61 28.17
CA ILE E 52 16.93 -11.40 29.39
C ILE E 52 15.58 -11.39 30.11
N VAL E 53 14.89 -12.53 30.12
CA VAL E 53 13.56 -12.62 30.70
C VAL E 53 13.52 -13.79 31.67
N ALA E 54 13.04 -13.53 32.88
CA ALA E 54 13.41 -14.25 34.09
C ALA E 54 14.92 -14.02 34.21
N GLY E 55 15.72 -15.03 34.48
CA GLY E 55 17.15 -14.78 34.50
C GLY E 55 17.90 -15.47 33.38
N GLN E 56 17.19 -15.85 32.32
CA GLN E 56 17.76 -16.66 31.25
C GLN E 56 17.87 -15.84 29.99
N VAL E 57 19.10 -15.62 29.54
CA VAL E 57 19.30 -14.87 28.31
C VAL E 57 18.57 -15.58 27.18
N GLY E 58 18.20 -14.81 26.17
CA GLY E 58 17.35 -15.34 25.13
C GLY E 58 16.13 -15.98 25.74
N ALA E 59 15.10 -15.17 25.96
CA ALA E 59 13.80 -15.65 26.43
C ALA E 59 12.76 -14.76 25.79
N GLU E 60 11.95 -15.34 24.91
CA GLU E 60 11.17 -14.54 24.00
C GLU E 60 10.26 -13.61 24.79
N PHE E 61 10.08 -12.37 24.30
CA PHE E 61 9.41 -11.41 25.15
C PHE E 61 8.81 -10.30 24.32
N VAL E 62 7.79 -9.67 24.90
CA VAL E 62 7.21 -8.44 24.39
C VAL E 62 7.00 -7.50 25.54
N ASN E 63 7.23 -6.21 25.32
CA ASN E 63 6.96 -5.16 26.29
C ASN E 63 6.33 -4.00 25.54
N ILE E 64 5.06 -3.74 25.82
CA ILE E 64 4.39 -2.57 25.26
C ILE E 64 4.47 -1.43 26.25
N VAL E 65 5.00 -0.29 25.81
CA VAL E 65 4.84 0.96 26.54
C VAL E 65 3.84 1.82 25.77
N ALA E 66 2.71 2.12 26.41
CA ALA E 66 1.62 2.86 25.79
C ALA E 66 1.49 4.24 26.41
N PHE E 67 1.76 5.27 25.64
CA PHE E 67 1.53 6.63 26.07
C PHE E 67 0.13 7.04 25.61
N LEU E 68 -0.70 7.48 26.56
CA LEU E 68 -2.08 7.83 26.29
C LEU E 68 -2.42 9.11 27.04
N LEU E 69 -3.44 9.82 26.61
CA LEU E 69 -3.85 11.02 27.32
C LEU E 69 -4.54 10.64 28.62
N ALA E 70 -4.20 11.33 29.70
CA ALA E 70 -4.77 10.93 30.98
C ALA E 70 -6.23 11.30 31.05
N GLY E 71 -6.94 10.61 31.92
CA GLY E 71 -8.34 10.81 32.08
C GLY E 71 -9.17 9.68 31.64
N ARG E 72 -8.58 8.49 31.48
CA ARG E 72 -9.28 7.29 31.08
C ARG E 72 -9.38 6.37 32.29
N ASN E 73 -10.19 5.32 32.17
CA ASN E 73 -10.64 4.56 33.33
C ASN E 73 -9.99 3.20 33.42
N ASP E 74 -9.60 2.84 34.65
CA ASP E 74 -9.08 1.55 35.08
C ASP E 74 -9.53 0.39 34.22
N GLU E 75 -10.72 0.47 33.66
CA GLU E 75 -11.28 -0.76 33.14
C GLU E 75 -11.18 -0.88 31.66
N VAL E 76 -11.28 0.21 30.91
CA VAL E 76 -10.89 0.09 29.51
C VAL E 76 -9.40 -0.17 29.44
N LYS E 77 -8.61 0.46 30.29
CA LYS E 77 -7.23 0.04 30.45
C LYS E 77 -7.19 -1.46 30.70
N ALA E 78 -7.93 -1.92 31.68
CA ALA E 78 -8.02 -3.34 31.93
C ALA E 78 -8.62 -4.06 30.74
N ASN E 79 -8.97 -3.35 29.67
CA ASN E 79 -9.62 -4.00 28.54
C ASN E 79 -8.68 -4.13 27.36
N PHE E 80 -8.33 -2.98 26.77
CA PHE E 80 -7.01 -2.74 26.20
C PHE E 80 -6.15 -3.92 26.52
N LEU E 81 -5.70 -3.93 27.77
CA LEU E 81 -4.68 -4.88 28.22
C LEU E 81 -5.07 -6.32 27.90
N ALA E 82 -6.35 -6.65 27.93
CA ALA E 82 -6.77 -8.00 27.51
C ALA E 82 -6.57 -8.19 26.02
N ALA E 83 -7.12 -7.28 25.21
CA ALA E 83 -6.96 -7.40 23.77
C ALA E 83 -5.48 -7.41 23.40
N ILE E 84 -4.74 -6.31 23.63
CA ILE E 84 -3.39 -6.15 23.06
C ILE E 84 -2.48 -7.31 23.41
N ASN E 85 -2.70 -7.96 24.54
CA ASN E 85 -2.00 -9.21 24.79
C ASN E 85 -2.56 -10.30 23.89
N LYS E 86 -3.88 -10.28 23.62
CA LYS E 86 -4.42 -11.27 22.70
C LYS E 86 -3.87 -11.08 21.29
N THR E 87 -3.83 -9.83 20.81
CA THR E 87 -3.27 -9.52 19.50
C THR E 87 -1.78 -9.86 19.45
N ALA E 88 -1.04 -9.47 20.48
CA ALA E 88 0.36 -9.87 20.57
C ALA E 88 0.51 -11.36 20.33
N VAL E 89 -0.29 -12.16 21.03
CA VAL E 89 -0.11 -13.61 20.91
C VAL E 89 -0.51 -14.07 19.52
N THR E 90 -1.66 -13.63 19.02
CA THR E 90 -2.21 -14.14 17.77
C THR E 90 -1.39 -13.72 16.56
N THR E 91 -0.66 -12.61 16.66
CA THR E 91 0.09 -12.07 15.54
C THR E 91 1.57 -11.91 15.86
N LEU E 92 2.06 -12.59 16.86
CA LEU E 92 3.48 -12.57 17.11
C LEU E 92 3.98 -13.94 17.54
N ASP E 93 3.10 -14.94 17.58
CA ASP E 93 3.46 -16.34 17.81
C ASP E 93 4.38 -16.47 19.03
N VAL E 94 3.83 -16.04 20.16
CA VAL E 94 4.56 -15.90 21.42
C VAL E 94 3.59 -16.31 22.53
N SER E 95 4.09 -16.31 23.78
CA SER E 95 3.24 -16.76 24.89
C SER E 95 2.45 -15.62 25.51
N ASP E 96 1.28 -15.99 26.07
CA ASP E 96 0.41 -15.02 26.72
C ASP E 96 1.08 -14.34 27.90
N SER E 97 2.06 -15.00 28.50
CA SER E 97 2.66 -14.62 29.78
C SER E 97 3.92 -13.78 29.67
N CYS E 98 4.38 -13.45 28.46
CA CYS E 98 5.64 -12.72 28.27
C CYS E 98 5.42 -11.36 27.65
N ILE E 99 4.30 -10.72 27.96
CA ILE E 99 3.96 -9.40 27.46
C ILE E 99 3.80 -8.47 28.65
N ARG E 100 4.70 -7.53 28.80
CA ARG E 100 4.53 -6.53 29.84
C ARG E 100 4.06 -5.26 29.16
N THR E 101 2.81 -4.91 29.40
CA THR E 101 2.22 -3.68 28.90
C THR E 101 2.10 -2.69 30.05
N MET E 102 2.73 -1.56 29.90
CA MET E 102 2.78 -0.50 30.88
C MET E 102 2.07 0.71 30.27
N LEU E 103 0.98 1.13 30.90
CA LEU E 103 0.16 2.22 30.41
C LEU E 103 0.53 3.49 31.16
N ILE E 104 0.76 4.55 30.40
CA ILE E 104 1.29 5.79 30.93
C ILE E 104 0.35 6.89 30.50
N ASP E 105 -0.46 7.38 31.44
CA ASP E 105 -1.45 8.43 31.17
C ASP E 105 -0.78 9.78 31.36
N ILE E 106 -0.61 10.49 30.26
CA ILE E 106 -0.01 11.82 30.20
C ILE E 106 -1.10 12.88 30.26
N ALA E 107 -0.76 13.99 30.87
CA ALA E 107 -1.71 15.06 31.05
C ALA E 107 -1.67 15.98 29.85
N PRO E 108 -2.84 16.47 29.47
CA PRO E 108 -2.98 17.23 28.23
C PRO E 108 -1.94 18.32 28.08
N GLU E 109 -1.45 18.85 29.18
CA GLU E 109 -0.43 19.88 29.19
C GLU E 109 0.97 19.31 28.99
N HIS E 110 1.12 17.99 28.99
CA HIS E 110 2.44 17.38 28.90
C HIS E 110 2.57 16.50 27.67
N MET E 111 2.00 16.90 26.54
CA MET E 111 2.07 15.98 25.43
C MET E 111 2.06 16.76 24.13
N GLY E 112 3.15 17.44 23.83
CA GLY E 112 3.21 18.24 22.62
C GLY E 112 2.74 17.51 21.38
N VAL E 113 1.80 18.10 20.65
CA VAL E 113 1.21 17.41 19.52
C VAL E 113 1.44 18.21 18.23
N GLN E 114 0.49 18.11 17.30
CA GLN E 114 0.52 18.81 16.04
C GLN E 114 1.00 20.25 16.21
N GLU E 115 1.89 20.68 15.32
CA GLU E 115 2.29 22.09 15.24
C GLU E 115 3.02 22.57 16.48
N GLY E 116 3.13 21.72 17.50
CA GLY E 116 3.82 22.12 18.71
C GLY E 116 2.92 22.49 19.88
N LEU E 117 1.61 22.48 19.72
CA LEU E 117 0.80 22.89 20.85
C LEU E 117 0.79 21.78 21.89
N SER E 118 0.38 22.13 23.11
CA SER E 118 0.16 21.08 24.09
C SER E 118 -1.20 20.45 23.81
N ALA E 119 -1.36 19.20 24.23
CA ALA E 119 -2.57 18.48 23.88
C ALA E 119 -3.82 19.19 24.40
N ALA E 120 -3.71 19.82 25.57
CA ALA E 120 -4.86 20.49 26.16
C ALA E 120 -5.39 21.60 25.28
N ALA E 121 -4.51 22.20 24.46
CA ALA E 121 -4.90 23.21 23.48
C ALA E 121 -5.90 22.71 22.45
N PHE E 122 -6.14 21.41 22.36
CA PHE E 122 -7.17 20.92 21.46
C PHE E 122 -8.41 20.56 22.27
N PRO F 2 -39.79 31.26 27.35
CA PRO F 2 -40.49 30.14 27.97
C PRO F 2 -41.77 30.58 28.66
N ILE F 3 -42.88 30.02 28.24
CA ILE F 3 -44.14 30.16 28.95
C ILE F 3 -44.16 29.07 30.00
N LEU F 4 -44.35 29.43 31.27
CA LEU F 4 -44.33 28.48 32.39
C LEU F 4 -45.65 28.54 33.16
N GLN F 5 -46.25 27.36 33.37
CA GLN F 5 -47.55 27.19 34.04
C GLN F 5 -47.37 26.07 35.07
N VAL F 6 -46.99 26.43 36.29
CA VAL F 6 -46.40 25.49 37.24
C VAL F 6 -47.40 25.12 38.34
N GLN F 7 -47.47 23.84 38.67
CA GLN F 7 -48.35 23.39 39.74
C GLN F 7 -47.58 23.23 41.04
N VAL F 8 -48.33 23.10 42.13
CA VAL F 8 -47.73 23.05 43.45
C VAL F 8 -48.84 22.87 44.45
N THR F 9 -48.58 22.09 45.50
CA THR F 9 -49.55 21.92 46.59
C THR F 9 -49.90 23.27 47.22
N ALA F 10 -51.19 23.52 47.40
CA ALA F 10 -51.59 24.71 48.13
C ALA F 10 -51.24 24.59 49.60
N GLY F 11 -50.73 25.68 50.16
CA GLY F 11 -50.29 25.75 51.54
C GLY F 11 -49.08 26.63 51.71
N ARG F 12 -48.77 27.40 50.67
CA ARG F 12 -47.61 28.29 50.65
C ARG F 12 -48.06 29.73 50.83
N SER F 13 -47.20 30.51 51.46
CA SER F 13 -47.46 31.93 51.59
C SER F 13 -47.08 32.64 50.30
N GLN F 14 -47.77 33.75 50.02
CA GLN F 14 -47.49 34.47 48.80
C GLN F 14 -46.10 35.06 48.77
N GLN F 15 -45.39 35.07 49.90
CA GLN F 15 -43.99 35.48 49.85
C GLN F 15 -43.11 34.31 49.44
N GLN F 16 -43.53 33.11 49.81
CA GLN F 16 -42.99 31.90 49.21
C GLN F 16 -43.23 31.93 47.71
N LYS F 17 -44.50 32.06 47.32
CA LYS F 17 -44.83 32.16 45.90
C LYS F 17 -43.97 33.20 45.21
N THR F 18 -44.12 34.47 45.60
CA THR F 18 -43.38 35.54 44.91
C THR F 18 -41.89 35.24 44.87
N ALA F 19 -41.38 34.60 45.91
CA ALA F 19 -39.99 34.16 45.87
C ALA F 19 -39.79 33.22 44.70
N PHE F 20 -40.68 32.26 44.54
CA PHE F 20 -40.48 31.23 43.52
C PHE F 20 -40.60 31.80 42.12
N LEU F 21 -41.61 32.64 41.90
CA LEU F 21 -41.87 33.13 40.56
C LEU F 21 -40.84 34.19 40.15
N GLN F 22 -40.45 35.04 41.08
CA GLN F 22 -39.42 36.04 40.76
C GLN F 22 -38.04 35.41 40.69
N ASN F 23 -37.77 34.38 41.48
CA ASN F 23 -36.48 33.72 41.47
C ASN F 23 -36.31 32.85 40.24
N ALA F 24 -37.37 32.18 39.82
CA ALA F 24 -37.38 31.47 38.56
C ALA F 24 -37.85 32.35 37.42
N THR F 25 -37.81 33.66 37.61
CA THR F 25 -37.80 34.57 36.46
C THR F 25 -36.37 34.90 36.05
N LYS F 26 -35.43 34.84 36.99
CA LYS F 26 -34.01 34.97 36.70
C LYS F 26 -33.32 33.62 36.52
N VAL F 27 -33.89 32.54 37.06
CA VAL F 27 -33.36 31.23 36.70
C VAL F 27 -33.46 31.03 35.21
N ILE F 28 -34.65 31.30 34.67
CA ILE F 28 -34.86 31.50 33.26
C ILE F 28 -34.25 32.84 32.88
N GLU F 29 -32.92 32.93 32.94
CA GLU F 29 -32.21 34.14 32.59
C GLU F 29 -30.71 33.90 32.73
N GLN F 30 -30.32 33.23 33.80
CA GLN F 30 -28.90 32.96 33.98
C GLN F 30 -28.43 31.88 33.03
N THR F 31 -29.32 30.99 32.62
CA THR F 31 -29.02 29.97 31.63
C THR F 31 -29.80 30.10 30.35
N LEU F 32 -31.03 30.63 30.39
CA LEU F 32 -31.85 30.75 29.20
C LEU F 32 -31.74 32.17 28.65
N ASN F 33 -31.26 32.29 27.40
CA ASN F 33 -31.04 33.55 26.67
C ASN F 33 -32.28 34.42 26.65
N ALA F 34 -33.34 33.99 27.32
CA ALA F 34 -34.56 34.77 27.45
C ALA F 34 -34.24 36.13 28.01
N ALA F 35 -34.45 37.17 27.20
CA ALA F 35 -34.24 38.55 27.63
C ALA F 35 -35.00 38.81 28.91
N LEU F 36 -36.22 39.32 28.78
CA LEU F 36 -37.13 39.56 29.90
C LEU F 36 -38.58 39.55 29.40
N PRO F 37 -38.92 40.22 28.26
CA PRO F 37 -40.32 40.22 27.82
C PRO F 37 -40.93 38.87 27.45
N SER F 38 -40.23 37.76 27.70
CA SER F 38 -40.73 36.45 27.27
C SER F 38 -40.70 35.41 28.40
N ILE F 39 -40.37 35.79 29.63
CA ILE F 39 -40.29 34.90 30.79
C ILE F 39 -41.59 35.03 31.58
N ARG F 40 -42.50 34.07 31.41
CA ARG F 40 -43.79 34.15 32.07
C ARG F 40 -44.04 32.88 32.88
N ILE F 41 -44.58 33.09 34.08
CA ILE F 41 -44.86 32.02 35.03
C ILE F 41 -46.25 32.21 35.56
N SER F 42 -47.05 31.16 35.51
CA SER F 42 -48.29 31.05 36.24
C SER F 42 -48.08 30.08 37.38
N LEU F 43 -48.32 30.51 38.61
CA LEU F 43 -48.32 29.60 39.73
C LEU F 43 -49.76 29.21 40.04
N HIS F 44 -50.02 27.91 40.12
CA HIS F 44 -51.36 27.34 40.24
C HIS F 44 -51.33 26.24 41.27
N GLU F 45 -51.86 26.52 42.45
CA GLU F 45 -51.73 25.61 43.56
C GLU F 45 -52.67 24.43 43.34
N ILE F 46 -52.79 23.56 44.35
CA ILE F 46 -53.70 22.44 44.26
C ILE F 46 -54.03 21.96 45.66
N GLU F 47 -55.28 21.57 45.84
CA GLU F 47 -55.72 21.00 47.09
C GLU F 47 -55.25 19.57 47.20
N GLN F 48 -54.96 19.15 48.42
CA GLN F 48 -54.89 17.74 48.76
C GLN F 48 -56.13 17.07 48.24
N GLN F 49 -56.14 15.73 48.21
CA GLN F 49 -57.27 14.90 47.80
C GLN F 49 -57.86 15.33 46.45
N ASP F 50 -57.29 16.37 45.85
CA ASP F 50 -57.47 16.68 44.44
C ASP F 50 -56.12 16.76 43.75
N SER F 51 -55.05 16.37 44.45
CA SER F 51 -53.75 16.06 43.90
C SER F 51 -53.36 14.63 44.25
N ILE F 52 -52.35 14.09 43.57
CA ILE F 52 -51.90 12.71 43.82
C ILE F 52 -50.41 12.63 43.59
N VAL F 53 -49.71 11.89 44.45
CA VAL F 53 -48.32 11.48 44.22
C VAL F 53 -48.03 10.11 44.81
N ALA F 54 -47.98 9.10 43.96
CA ALA F 54 -47.49 7.78 44.35
C ALA F 54 -48.31 7.18 45.47
N VAL F 57 -50.91 10.27 49.03
CA VAL F 57 -52.27 10.80 48.97
C VAL F 57 -52.25 12.24 49.42
N GLY F 58 -51.78 13.12 48.55
CA GLY F 58 -51.76 14.54 48.84
C GLY F 58 -50.45 15.11 49.34
N ALA F 59 -49.43 14.29 49.57
CA ALA F 59 -48.16 14.88 49.96
C ALA F 59 -47.60 15.72 48.81
N GLU F 60 -46.50 16.42 49.08
CA GLU F 60 -46.08 17.52 48.23
C GLU F 60 -45.96 17.10 46.77
N PHE F 61 -46.09 18.09 45.88
CA PHE F 61 -45.79 17.89 44.47
C PHE F 61 -45.80 19.22 43.76
N VAL F 62 -44.79 19.44 42.94
CA VAL F 62 -44.77 20.56 42.00
C VAL F 62 -44.77 19.95 40.61
N ASN F 63 -45.32 20.70 39.65
CA ASN F 63 -45.41 20.25 38.27
C ASN F 63 -45.17 21.46 37.38
N ILE F 64 -43.98 21.52 36.81
CA ILE F 64 -43.48 22.68 36.08
C ILE F 64 -43.45 22.27 34.63
N VAL F 65 -44.13 23.02 33.78
CA VAL F 65 -44.31 22.64 32.39
C VAL F 65 -43.87 23.82 31.54
N ALA F 66 -42.62 23.81 31.13
CA ALA F 66 -42.05 24.93 30.42
C ALA F 66 -42.32 24.81 28.93
N PHE F 67 -42.72 25.91 28.33
CA PHE F 67 -43.02 25.95 26.92
C PHE F 67 -41.89 26.74 26.27
N LEU F 68 -41.00 26.04 25.59
CA LEU F 68 -39.87 26.71 24.99
C LEU F 68 -39.91 26.53 23.48
N LEU F 69 -39.24 27.44 22.79
CA LEU F 69 -39.07 27.29 21.37
C LEU F 69 -37.83 26.44 21.13
N ALA F 70 -37.94 25.53 20.16
CA ALA F 70 -36.93 24.50 19.99
C ALA F 70 -35.61 25.13 19.53
N GLY F 71 -34.61 24.28 19.34
CA GLY F 71 -33.30 24.78 18.98
C GLY F 71 -32.42 25.10 20.16
N ARG F 72 -32.65 24.44 21.29
CA ARG F 72 -31.77 24.50 22.45
C ARG F 72 -31.23 23.11 22.71
N ASN F 73 -29.99 23.04 23.16
CA ASN F 73 -29.34 21.75 23.27
C ASN F 73 -29.94 20.97 24.41
N ASP F 74 -29.36 19.80 24.67
CA ASP F 74 -29.72 19.01 25.84
C ASP F 74 -29.10 19.55 27.12
N GLU F 75 -28.20 20.52 27.01
CA GLU F 75 -27.38 21.02 28.10
C GLU F 75 -28.08 22.16 28.83
N VAL F 76 -28.59 23.14 28.10
CA VAL F 76 -29.26 24.28 28.72
C VAL F 76 -30.66 23.84 29.12
N LYS F 77 -30.98 22.58 28.85
CA LYS F 77 -32.17 21.94 29.36
C LYS F 77 -31.87 21.16 30.63
N ALA F 78 -30.72 20.49 30.67
CA ALA F 78 -30.30 19.82 31.90
C ALA F 78 -30.05 20.84 32.99
N ASN F 79 -29.22 21.84 32.70
CA ASN F 79 -28.97 22.90 33.66
C ASN F 79 -30.27 23.50 34.18
N PHE F 80 -31.24 23.71 33.30
CA PHE F 80 -32.59 24.08 33.74
C PHE F 80 -33.09 23.11 34.78
N LEU F 81 -33.15 21.82 34.40
CA LEU F 81 -33.87 20.82 35.17
C LEU F 81 -33.48 20.79 36.65
N ALA F 82 -32.35 21.37 37.01
CA ALA F 82 -31.95 21.42 38.41
C ALA F 82 -31.80 22.83 38.95
N ALA F 83 -31.67 23.83 38.08
CA ALA F 83 -31.81 25.21 38.55
C ALA F 83 -33.22 25.47 39.04
N ILE F 84 -34.21 24.85 38.40
CA ILE F 84 -35.59 25.08 38.82
C ILE F 84 -36.01 24.14 39.94
N ASN F 85 -35.51 22.91 39.92
CA ASN F 85 -35.52 22.11 41.13
C ASN F 85 -34.92 22.90 42.29
N LYS F 86 -33.87 23.66 42.01
CA LYS F 86 -33.29 24.55 43.01
C LYS F 86 -34.29 25.58 43.48
N THR F 87 -34.95 26.24 42.53
CA THR F 87 -35.89 27.29 42.89
C THR F 87 -37.11 26.75 43.61
N ALA F 88 -37.42 25.48 43.46
CA ALA F 88 -38.58 24.95 44.17
C ALA F 88 -38.20 24.47 45.56
N VAL F 89 -37.22 23.57 45.65
CA VAL F 89 -36.78 23.11 46.96
C VAL F 89 -36.31 24.29 47.79
N THR F 90 -36.02 25.42 47.16
CA THR F 90 -35.70 26.61 47.94
C THR F 90 -36.94 27.46 48.20
N THR F 91 -37.54 28.00 47.15
CA THR F 91 -38.53 29.05 47.35
C THR F 91 -39.89 28.51 47.81
N LEU F 92 -40.34 27.36 47.30
CA LEU F 92 -41.66 26.85 47.63
C LEU F 92 -41.65 25.75 48.69
N ASP F 93 -40.48 25.38 49.20
CA ASP F 93 -40.37 24.50 50.36
C ASP F 93 -40.98 23.13 50.11
N VAL F 94 -40.77 22.59 48.92
CA VAL F 94 -41.10 21.21 48.63
C VAL F 94 -39.83 20.42 48.88
N SER F 95 -39.63 19.32 48.15
CA SER F 95 -38.36 18.61 48.26
C SER F 95 -37.79 18.35 46.89
N ASP F 96 -36.71 17.56 46.85
CA ASP F 96 -36.04 17.24 45.58
C ASP F 96 -36.86 16.26 44.75
N SER F 97 -37.33 15.16 45.37
CA SER F 97 -38.07 14.16 44.62
C SER F 97 -39.48 14.57 44.30
N CYS F 98 -39.88 15.79 44.64
CA CYS F 98 -41.28 16.16 44.53
C CYS F 98 -41.59 17.03 43.33
N ILE F 99 -40.60 17.75 42.81
CA ILE F 99 -40.77 18.55 41.60
C ILE F 99 -40.71 17.63 40.39
N ARG F 100 -41.70 17.77 39.50
CA ARG F 100 -41.66 17.17 38.18
C ARG F 100 -41.72 18.28 37.16
N THR F 101 -40.77 18.33 36.23
CA THR F 101 -40.64 19.41 35.26
C THR F 101 -40.64 18.84 33.85
N MET F 102 -41.77 18.94 33.15
CA MET F 102 -41.84 18.61 31.75
C MET F 102 -41.54 19.84 30.88
N LEU F 103 -40.63 19.65 29.94
CA LEU F 103 -40.13 20.70 29.04
C LEU F 103 -40.56 20.33 27.62
N ILE F 104 -41.37 21.19 26.99
CA ILE F 104 -41.88 20.92 25.64
C ILE F 104 -41.46 22.04 24.71
N ASP F 105 -40.84 21.68 23.59
CA ASP F 105 -40.42 22.67 22.63
C ASP F 105 -41.39 22.69 21.45
N ILE F 106 -41.47 23.83 20.80
CA ILE F 106 -42.49 24.03 19.77
C ILE F 106 -41.95 24.95 18.69
N ALA F 107 -42.22 24.58 17.45
CA ALA F 107 -41.78 25.35 16.31
C ALA F 107 -42.37 26.76 16.33
N PRO F 108 -41.57 27.79 16.35
CA PRO F 108 -42.12 29.13 16.38
C PRO F 108 -43.12 29.52 15.30
N GLU F 109 -43.45 28.63 14.37
CA GLU F 109 -44.64 28.83 13.56
C GLU F 109 -45.86 28.20 14.18
N HIS F 110 -45.73 27.66 15.38
CA HIS F 110 -46.85 27.03 16.06
C HIS F 110 -47.16 27.72 17.38
N MET F 111 -46.53 28.86 17.62
CA MET F 111 -46.77 29.62 18.83
C MET F 111 -47.40 30.96 18.46
N GLY F 112 -48.38 31.40 19.25
CA GLY F 112 -48.90 32.74 19.13
C GLY F 112 -48.14 33.65 20.07
N VAL F 113 -47.66 34.76 19.56
CA VAL F 113 -46.94 35.68 20.41
C VAL F 113 -47.47 37.08 20.15
N GLN F 114 -46.70 38.07 20.60
CA GLN F 114 -46.92 39.49 20.41
C GLN F 114 -47.80 39.77 19.22
N GLU F 115 -48.92 40.47 19.44
CA GLU F 115 -49.83 40.86 18.37
C GLU F 115 -50.46 39.66 17.68
N GLY F 116 -50.16 38.45 18.14
CA GLY F 116 -50.76 37.26 17.56
C GLY F 116 -49.94 36.58 16.50
N LEU F 117 -48.92 37.26 15.96
CA LEU F 117 -48.07 36.62 14.98
C LEU F 117 -47.49 35.34 15.55
N SER F 118 -47.01 34.49 14.66
CA SER F 118 -46.19 33.39 15.13
C SER F 118 -44.90 33.97 15.69
N ALA F 119 -44.15 33.15 16.42
CA ALA F 119 -42.82 33.61 16.80
C ALA F 119 -41.90 33.67 15.59
N ALA F 120 -42.26 33.00 14.49
CA ALA F 120 -41.53 33.05 13.23
C ALA F 120 -42.03 34.17 12.33
N ALA F 121 -43.34 34.39 12.29
CA ALA F 121 -43.89 35.52 11.59
C ALA F 121 -43.43 36.81 12.27
N PRO G 2 -21.93 12.37 13.66
CA PRO G 2 -22.83 12.43 12.51
C PRO G 2 -22.61 11.28 11.53
N ILE G 3 -23.59 11.08 10.66
CA ILE G 3 -23.51 10.12 9.56
C ILE G 3 -24.21 10.76 8.38
N LEU G 4 -23.50 10.92 7.27
CA LEU G 4 -24.04 11.56 6.08
C LEU G 4 -24.01 10.58 4.90
N GLN G 5 -25.03 10.64 4.06
CA GLN G 5 -25.09 9.92 2.79
C GLN G 5 -25.16 10.97 1.71
N VAL G 6 -24.01 11.55 1.38
CA VAL G 6 -24.05 12.71 0.50
C VAL G 6 -24.38 12.25 -0.92
N GLN G 7 -25.07 13.12 -1.65
CA GLN G 7 -25.52 12.83 -3.01
C GLN G 7 -25.11 13.98 -3.92
N VAL G 8 -24.75 13.65 -5.15
CA VAL G 8 -24.07 14.56 -6.07
C VAL G 8 -24.15 13.96 -7.46
N THR G 9 -24.25 14.81 -8.47
CA THR G 9 -24.30 14.27 -9.83
C THR G 9 -22.98 13.61 -10.18
N ALA G 10 -23.06 12.60 -11.05
CA ALA G 10 -21.84 12.02 -11.59
C ALA G 10 -20.98 13.08 -12.24
N GLY G 11 -19.67 12.93 -12.10
CA GLY G 11 -18.82 13.84 -12.81
C GLY G 11 -17.63 14.31 -12.03
N ARG G 12 -17.68 14.19 -10.71
CA ARG G 12 -16.65 14.78 -9.88
C ARG G 12 -15.38 13.97 -9.96
N SER G 13 -14.25 14.68 -9.92
CA SER G 13 -12.97 14.02 -9.98
C SER G 13 -12.68 13.30 -8.67
N GLN G 14 -12.00 12.16 -8.77
CA GLN G 14 -11.67 11.41 -7.58
C GLN G 14 -11.00 12.31 -6.56
N GLN G 15 -10.29 13.32 -7.04
CA GLN G 15 -9.67 14.29 -6.14
C GLN G 15 -10.66 15.32 -5.66
N GLN G 16 -11.58 15.76 -6.53
CA GLN G 16 -12.66 16.64 -6.08
C GLN G 16 -13.43 15.98 -4.95
N LYS G 17 -13.82 14.73 -5.17
CA LYS G 17 -14.56 13.98 -4.17
C LYS G 17 -13.76 13.83 -2.90
N THR G 18 -12.53 13.35 -3.01
CA THR G 18 -11.73 13.09 -1.82
C THR G 18 -11.50 14.38 -1.02
N ALA G 19 -11.24 15.49 -1.72
CA ALA G 19 -11.21 16.78 -1.06
C ALA G 19 -12.47 17.00 -0.25
N PHE G 20 -13.62 16.76 -0.86
CA PHE G 20 -14.86 16.85 -0.10
C PHE G 20 -14.80 15.99 1.16
N LEU G 21 -14.30 14.77 1.00
CA LEU G 21 -14.43 13.77 2.05
C LEU G 21 -13.61 14.12 3.28
N GLN G 22 -12.40 14.64 3.10
CA GLN G 22 -11.58 15.00 4.26
C GLN G 22 -11.89 16.39 4.80
N ASN G 23 -12.17 17.33 3.91
CA ASN G 23 -12.30 18.72 4.34
C ASN G 23 -13.69 19.04 4.87
N ALA G 24 -14.72 18.42 4.28
CA ALA G 24 -16.01 18.38 4.94
C ALA G 24 -15.87 17.80 6.33
N THR G 25 -14.96 16.84 6.48
CA THR G 25 -14.72 16.25 7.79
C THR G 25 -14.13 17.25 8.77
N LYS G 26 -13.15 18.03 8.32
CA LYS G 26 -12.71 19.17 9.14
C LYS G 26 -13.90 20.04 9.51
N VAL G 27 -14.72 20.40 8.51
CA VAL G 27 -15.83 21.33 8.71
C VAL G 27 -16.72 20.84 9.85
N ILE G 28 -17.10 19.57 9.80
CA ILE G 28 -17.96 19.02 10.82
C ILE G 28 -17.20 18.81 12.12
N GLU G 29 -15.87 18.80 12.07
CA GLU G 29 -15.12 18.89 13.32
C GLU G 29 -15.42 20.20 14.02
N GLN G 30 -15.35 21.30 13.29
CA GLN G 30 -15.34 22.57 13.97
C GLN G 30 -16.74 23.09 14.24
N THR G 31 -17.68 22.89 13.31
CA THR G 31 -18.98 23.50 13.55
C THR G 31 -19.85 22.64 14.47
N LEU G 32 -19.66 21.34 14.46
CA LEU G 32 -20.49 20.46 15.27
C LEU G 32 -19.71 19.98 16.49
N ASN G 33 -20.23 18.98 17.19
CA ASN G 33 -19.60 18.62 18.45
C ASN G 33 -18.33 17.82 18.25
N ALA G 34 -18.40 16.75 17.45
CA ALA G 34 -17.47 15.64 17.58
C ALA G 34 -16.10 15.95 16.99
N ALA G 35 -15.09 15.28 17.53
CA ALA G 35 -13.79 15.25 16.89
C ALA G 35 -13.94 14.38 15.65
N LEU G 36 -14.04 13.06 15.81
CA LEU G 36 -14.07 12.21 14.63
C LEU G 36 -14.88 10.92 14.82
N PRO G 37 -14.40 9.95 15.65
CA PRO G 37 -14.75 8.54 15.43
C PRO G 37 -16.20 8.23 15.12
N SER G 38 -17.06 9.24 15.26
CA SER G 38 -18.49 9.14 15.04
C SER G 38 -18.93 9.89 13.81
N ILE G 39 -18.01 10.26 12.95
CA ILE G 39 -18.37 10.93 11.72
C ILE G 39 -18.36 9.89 10.61
N ARG G 40 -19.23 10.10 9.63
CA ARG G 40 -19.45 9.13 8.56
C ARG G 40 -19.95 9.88 7.35
N ILE G 41 -19.06 10.18 6.41
CA ILE G 41 -19.49 10.65 5.11
C ILE G 41 -19.45 9.49 4.13
N SER G 42 -20.51 9.37 3.34
CA SER G 42 -20.51 8.51 2.19
C SER G 42 -20.74 9.38 0.98
N LEU G 43 -19.90 9.21 -0.02
CA LEU G 43 -20.17 9.76 -1.33
C LEU G 43 -20.88 8.69 -2.15
N HIS G 44 -21.53 9.12 -3.21
CA HIS G 44 -22.58 8.28 -3.77
C HIS G 44 -23.04 8.88 -5.09
N GLU G 45 -22.22 8.75 -6.13
CA GLU G 45 -22.43 9.54 -7.34
C GLU G 45 -23.66 9.08 -8.09
N ILE G 46 -24.34 10.03 -8.72
CA ILE G 46 -25.60 9.78 -9.41
C ILE G 46 -25.53 10.38 -10.81
N GLU G 47 -26.22 9.73 -11.76
CA GLU G 47 -26.08 10.02 -13.19
C GLU G 47 -27.17 10.93 -13.71
N GLN G 48 -26.79 11.83 -14.62
CA GLN G 48 -27.72 12.39 -15.60
C GLN G 48 -28.63 11.32 -16.16
N GLN G 49 -29.75 11.72 -16.76
CA GLN G 49 -30.75 10.76 -17.20
C GLN G 49 -31.35 10.06 -15.99
N ASP G 50 -30.64 10.06 -14.87
CA ASP G 50 -31.16 9.51 -13.63
C ASP G 50 -31.20 10.60 -12.58
N SER G 51 -31.81 11.72 -12.90
CA SER G 51 -31.69 12.90 -12.05
C SER G 51 -32.40 14.08 -12.65
N ILE G 52 -33.34 14.68 -11.92
CA ILE G 52 -33.92 15.96 -12.30
C ILE G 52 -33.82 16.91 -11.11
N VAL G 53 -33.24 18.07 -11.36
CA VAL G 53 -32.95 19.05 -10.33
C VAL G 53 -33.25 20.42 -10.93
N ALA G 54 -33.69 21.34 -10.07
CA ALA G 54 -34.61 22.34 -10.60
C ALA G 54 -35.59 21.53 -11.41
N GLY G 55 -35.44 21.58 -12.73
CA GLY G 55 -36.19 20.69 -13.60
C GLY G 55 -35.33 20.19 -14.74
N GLN G 56 -34.02 20.27 -14.56
CA GLN G 56 -33.07 19.84 -15.58
C GLN G 56 -32.65 18.41 -15.28
N VAL G 57 -32.89 17.51 -16.24
CA VAL G 57 -32.32 16.18 -16.15
C VAL G 57 -30.80 16.30 -16.11
N GLY G 58 -30.19 15.59 -15.20
CA GLY G 58 -28.76 15.61 -15.17
C GLY G 58 -28.06 16.70 -14.42
N ALA G 59 -28.59 17.92 -14.42
CA ALA G 59 -27.80 19.09 -14.05
C ALA G 59 -27.32 19.02 -12.60
N GLU G 60 -26.30 19.83 -12.31
CA GLU G 60 -25.52 19.66 -11.09
C GLU G 60 -26.40 19.71 -9.85
N PHE G 61 -26.24 18.72 -8.97
CA PHE G 61 -26.86 18.87 -7.67
C PHE G 61 -25.98 18.20 -6.62
N VAL G 62 -26.19 18.57 -5.38
CA VAL G 62 -25.59 17.90 -4.24
C VAL G 62 -26.65 17.76 -3.16
N ASN G 63 -26.68 16.61 -2.53
CA ASN G 63 -27.63 16.37 -1.47
C ASN G 63 -26.90 15.78 -0.28
N ILE G 64 -27.29 16.18 0.92
CA ILE G 64 -26.66 15.74 2.16
C ILE G 64 -27.72 15.22 3.10
N VAL G 65 -27.48 14.03 3.67
CA VAL G 65 -28.41 13.40 4.60
C VAL G 65 -27.62 13.11 5.88
N ALA G 66 -27.60 14.07 6.80
CA ALA G 66 -26.84 13.96 8.04
C ALA G 66 -27.69 13.39 9.15
N PHE G 67 -27.25 12.29 9.73
CA PHE G 67 -27.87 11.76 10.93
C PHE G 67 -27.09 12.22 12.15
N LEU G 68 -27.73 13.02 12.99
CA LEU G 68 -27.10 13.66 14.12
C LEU G 68 -27.79 13.21 15.41
N LEU G 69 -27.02 13.10 16.49
CA LEU G 69 -27.63 12.79 17.79
C LEU G 69 -28.40 14.00 18.31
N ALA G 70 -29.74 13.89 18.33
CA ALA G 70 -30.63 14.91 18.85
C ALA G 70 -30.16 15.46 20.19
N GLY G 71 -29.73 16.71 20.21
CA GLY G 71 -29.14 17.29 21.38
C GLY G 71 -28.30 18.53 21.10
N ARG G 72 -28.58 19.23 20.00
CA ARG G 72 -27.81 20.42 19.67
C ARG G 72 -28.74 21.53 19.22
N ASN G 73 -28.29 22.77 19.44
CA ASN G 73 -29.02 23.96 19.05
C ASN G 73 -29.31 23.98 17.56
N ASP G 74 -29.60 25.16 17.05
CA ASP G 74 -29.77 25.33 15.62
C ASP G 74 -28.99 26.50 15.04
N GLU G 75 -28.42 27.36 15.88
CA GLU G 75 -27.34 28.23 15.43
C GLU G 75 -26.12 27.40 15.05
N VAL G 76 -25.84 26.38 15.85
CA VAL G 76 -24.81 25.42 15.55
C VAL G 76 -25.21 24.52 14.39
N LYS G 77 -26.49 24.49 14.03
CA LYS G 77 -26.87 23.73 12.85
C LYS G 77 -26.68 24.56 11.59
N ALA G 78 -27.25 25.77 11.56
CA ALA G 78 -27.02 26.67 10.44
C ALA G 78 -25.54 26.87 10.17
N ASN G 79 -24.72 26.85 11.21
CA ASN G 79 -23.28 26.97 11.00
C ASN G 79 -22.78 25.86 10.10
N PHE G 80 -22.98 24.63 10.53
CA PHE G 80 -22.77 23.47 9.67
C PHE G 80 -23.28 23.70 8.26
N LEU G 81 -24.53 24.13 8.12
CA LEU G 81 -25.10 24.25 6.79
C LEU G 81 -24.25 25.18 5.92
N ALA G 82 -23.85 26.32 6.48
CA ALA G 82 -23.01 27.24 5.74
C ALA G 82 -21.72 26.58 5.29
N ALA G 83 -21.10 25.80 6.18
CA ALA G 83 -19.72 25.38 5.90
C ALA G 83 -19.66 24.11 5.05
N ILE G 84 -20.43 23.09 5.43
CA ILE G 84 -20.63 21.95 4.54
C ILE G 84 -21.00 22.45 3.15
N ASN G 85 -21.75 23.55 3.05
CA ASN G 85 -22.08 24.04 1.73
C ASN G 85 -20.87 24.63 1.03
N LYS G 86 -20.02 25.35 1.76
CA LYS G 86 -18.82 25.88 1.11
C LYS G 86 -17.95 24.74 0.61
N THR G 87 -17.56 23.83 1.52
CA THR G 87 -16.82 22.63 1.14
C THR G 87 -17.38 22.03 -0.13
N ALA G 88 -18.70 21.91 -0.18
CA ALA G 88 -19.31 21.31 -1.35
C ALA G 88 -19.09 22.17 -2.59
N VAL G 89 -19.27 23.49 -2.46
CA VAL G 89 -19.23 24.35 -3.64
C VAL G 89 -17.84 24.35 -4.25
N THR G 90 -16.80 24.33 -3.41
CA THR G 90 -15.45 24.49 -3.93
C THR G 90 -14.68 23.19 -4.08
N THR G 91 -14.85 22.21 -3.20
CA THR G 91 -14.12 20.97 -3.37
C THR G 91 -14.65 20.18 -4.56
N LEU G 92 -15.84 20.52 -5.02
CA LEU G 92 -16.54 19.79 -6.06
C LEU G 92 -16.93 20.66 -7.23
N ASP G 93 -16.72 21.97 -7.15
CA ASP G 93 -17.16 22.92 -8.17
C ASP G 93 -18.64 22.75 -8.50
N VAL G 94 -19.46 22.90 -7.45
CA VAL G 94 -20.89 23.05 -7.63
C VAL G 94 -21.19 24.54 -7.48
N SER G 95 -22.28 24.97 -8.10
CA SER G 95 -22.83 26.29 -7.89
C SER G 95 -23.24 26.45 -6.44
N ASP G 96 -23.37 27.70 -6.02
CA ASP G 96 -23.83 27.97 -4.67
C ASP G 96 -25.24 27.43 -4.40
N SER G 97 -26.01 27.09 -5.44
CA SER G 97 -27.46 26.95 -5.30
C SER G 97 -28.00 25.53 -5.36
N CYS G 98 -27.19 24.54 -5.72
CA CYS G 98 -27.71 23.23 -6.10
C CYS G 98 -27.52 22.19 -5.02
N ILE G 99 -27.03 22.58 -3.86
CA ILE G 99 -26.84 21.67 -2.75
C ILE G 99 -28.01 21.84 -1.80
N ARG G 100 -28.64 20.73 -1.42
CA ARG G 100 -29.65 20.73 -0.37
C ARG G 100 -29.17 19.83 0.76
N THR G 101 -29.24 20.34 2.00
CA THR G 101 -28.90 19.60 3.20
C THR G 101 -30.14 19.38 4.06
N MET G 102 -30.46 18.11 4.32
CA MET G 102 -31.59 17.75 5.18
C MET G 102 -31.05 17.19 6.48
N LEU G 103 -31.08 17.99 7.53
CA LEU G 103 -30.51 17.61 8.82
C LEU G 103 -31.49 16.77 9.61
N ILE G 104 -31.05 15.57 9.97
CA ILE G 104 -31.89 14.55 10.58
C ILE G 104 -31.43 14.39 12.01
N ASP G 105 -32.37 14.48 12.94
CA ASP G 105 -32.06 14.33 14.35
C ASP G 105 -32.52 12.96 14.79
N ILE G 106 -31.69 12.32 15.60
CA ILE G 106 -31.92 10.97 16.05
C ILE G 106 -31.96 11.00 17.57
N ALA G 107 -33.05 10.48 18.13
CA ALA G 107 -33.14 10.32 19.57
C ALA G 107 -32.21 9.20 20.02
N PRO G 108 -31.52 9.37 21.13
CA PRO G 108 -30.54 8.36 21.52
C PRO G 108 -31.11 6.95 21.65
N GLU G 109 -32.35 6.79 22.05
CA GLU G 109 -32.83 5.42 21.98
C GLU G 109 -33.08 4.96 20.55
N HIS G 110 -32.93 5.86 19.57
CA HIS G 110 -33.25 5.61 18.18
C HIS G 110 -32.01 5.55 17.27
N MET G 111 -30.84 5.23 17.81
CA MET G 111 -29.64 5.15 16.99
C MET G 111 -28.87 3.90 17.38
N GLY G 112 -28.43 3.15 16.37
CA GLY G 112 -27.62 1.98 16.62
C GLY G 112 -26.16 2.38 16.58
N VAL G 113 -25.40 1.90 17.54
CA VAL G 113 -24.00 2.29 17.70
C VAL G 113 -23.12 1.06 17.94
N GLN G 114 -21.97 1.25 18.57
CA GLN G 114 -21.00 0.18 18.73
C GLN G 114 -21.62 -1.05 19.35
N GLU G 115 -21.57 -2.15 18.57
CA GLU G 115 -21.92 -3.53 18.95
C GLU G 115 -23.41 -3.72 19.28
N GLY G 116 -24.25 -3.32 18.34
CA GLY G 116 -25.67 -3.57 18.51
C GLY G 116 -26.25 -2.82 19.68
N LEU G 117 -25.68 -1.68 20.00
CA LEU G 117 -26.13 -0.84 21.08
C LEU G 117 -26.93 0.34 20.54
N SER G 118 -27.89 0.80 21.34
CA SER G 118 -28.46 2.10 21.09
C SER G 118 -27.51 3.17 21.60
N ALA G 119 -27.70 4.39 21.13
CA ALA G 119 -26.89 5.47 21.67
C ALA G 119 -27.09 5.61 23.18
N ALA G 120 -28.33 5.54 23.66
CA ALA G 120 -28.62 5.91 25.04
C ALA G 120 -27.80 5.08 26.03
N ALA G 121 -27.72 3.79 25.80
CA ALA G 121 -27.17 2.87 26.77
C ALA G 121 -25.72 2.97 26.91
N PHE G 122 -25.09 4.00 26.36
CA PHE G 122 -23.72 4.32 26.75
C PHE G 122 -23.74 4.96 28.13
N PRO H 2 -16.52 7.61 48.04
CA PRO H 2 -15.89 8.91 48.28
C PRO H 2 -16.21 9.41 49.67
N ILE H 3 -15.34 10.25 50.18
CA ILE H 3 -15.51 10.93 51.44
C ILE H 3 -15.56 12.40 51.11
N LEU H 4 -16.74 12.99 51.26
CA LEU H 4 -16.97 14.39 50.94
C LEU H 4 -16.85 15.16 52.24
N GLN H 5 -15.70 15.78 52.43
CA GLN H 5 -15.48 16.76 53.49
C GLN H 5 -15.83 18.14 52.94
N VAL H 6 -16.97 18.67 53.35
CA VAL H 6 -17.48 19.92 52.81
C VAL H 6 -17.34 21.01 53.87
N GLN H 7 -17.19 22.25 53.40
CA GLN H 7 -17.14 23.41 54.28
C GLN H 7 -17.86 24.55 53.59
N VAL H 8 -18.65 25.31 54.35
CA VAL H 8 -19.59 26.27 53.76
C VAL H 8 -19.59 27.55 54.59
N THR H 9 -20.16 28.61 54.03
CA THR H 9 -20.37 29.74 54.90
C THR H 9 -21.36 29.37 55.98
N ALA H 10 -21.33 30.11 57.08
CA ALA H 10 -22.23 29.80 58.17
C ALA H 10 -23.56 30.51 57.97
N GLY H 11 -24.61 29.89 58.46
CA GLY H 11 -25.91 30.53 58.43
C GLY H 11 -26.98 29.67 57.82
N ARG H 12 -26.72 28.37 57.79
CA ARG H 12 -27.59 27.40 57.14
C ARG H 12 -28.61 26.86 58.12
N SER H 13 -29.69 26.27 57.60
CA SER H 13 -30.73 25.64 58.39
C SER H 13 -30.48 24.15 58.53
N GLN H 14 -31.13 23.53 59.53
CA GLN H 14 -31.08 22.08 59.65
C GLN H 14 -31.71 21.44 58.44
N GLN H 15 -32.84 21.98 57.96
CA GLN H 15 -33.55 21.40 56.83
C GLN H 15 -32.81 21.58 55.52
N GLN H 16 -31.86 22.50 55.44
CA GLN H 16 -31.03 22.57 54.25
C GLN H 16 -29.74 21.79 54.42
N LYS H 17 -29.12 21.86 55.61
CA LYS H 17 -27.91 21.07 55.85
C LYS H 17 -28.21 19.60 55.64
N THR H 18 -29.10 19.07 56.47
CA THR H 18 -29.40 17.65 56.42
C THR H 18 -29.89 17.24 55.05
N ALA H 19 -30.43 18.18 54.28
CA ALA H 19 -30.82 17.96 52.89
C ALA H 19 -29.83 18.55 51.90
N PHE H 20 -28.59 18.78 52.34
CA PHE H 20 -27.46 18.69 51.43
C PHE H 20 -26.80 17.34 51.61
N LEU H 21 -26.74 16.89 52.86
CA LEU H 21 -26.13 15.61 53.17
C LEU H 21 -26.80 14.48 52.41
N GLN H 22 -28.13 14.43 52.48
CA GLN H 22 -28.90 13.42 51.76
C GLN H 22 -29.11 13.78 50.29
N ASN H 23 -28.92 15.04 49.93
CA ASN H 23 -29.00 15.44 48.53
C ASN H 23 -27.63 15.51 47.87
N ALA H 24 -26.55 15.40 48.62
CA ALA H 24 -25.26 15.11 48.01
C ALA H 24 -24.95 13.61 47.97
N THR H 25 -25.87 12.76 48.43
CA THR H 25 -25.59 11.33 48.55
C THR H 25 -26.15 10.54 47.38
N LYS H 26 -27.43 10.74 47.09
CA LYS H 26 -28.01 10.06 45.94
C LYS H 26 -27.42 10.57 44.65
N VAL H 27 -27.00 11.84 44.60
CA VAL H 27 -26.29 12.31 43.42
C VAL H 27 -25.05 11.47 43.19
N ILE H 28 -24.28 11.19 44.25
CA ILE H 28 -23.16 10.27 44.16
C ILE H 28 -23.63 8.92 43.66
N GLU H 29 -24.74 8.43 44.21
CA GLU H 29 -25.37 7.20 43.72
C GLU H 29 -25.75 7.29 42.26
N GLN H 30 -25.76 8.48 41.68
CA GLN H 30 -26.29 8.69 40.35
C GLN H 30 -25.32 9.37 39.40
N THR H 31 -24.17 9.86 39.88
CA THR H 31 -23.08 10.21 38.98
C THR H 31 -21.91 9.26 39.21
N LEU H 32 -21.17 9.47 40.30
CA LEU H 32 -20.06 8.59 40.67
C LEU H 32 -20.54 7.16 40.89
N ASN H 33 -19.60 6.22 41.10
CA ASN H 33 -19.99 4.82 41.22
C ASN H 33 -21.07 4.64 42.27
N ALA H 34 -20.66 4.68 43.54
CA ALA H 34 -21.55 4.70 44.69
C ALA H 34 -22.28 3.39 44.94
N ALA H 35 -21.64 2.50 45.68
CA ALA H 35 -22.41 1.41 46.26
C ALA H 35 -23.45 2.00 47.20
N LEU H 36 -23.02 2.36 48.41
CA LEU H 36 -23.80 2.95 49.50
C LEU H 36 -22.99 2.83 50.79
N PRO H 37 -22.29 1.73 51.01
CA PRO H 37 -21.27 1.71 52.07
C PRO H 37 -19.97 2.41 51.70
N SER H 38 -19.91 3.20 50.63
CA SER H 38 -18.70 3.97 50.31
C SER H 38 -18.94 5.47 50.24
N ILE H 39 -20.13 5.94 50.59
CA ILE H 39 -20.50 7.35 50.48
C ILE H 39 -20.42 8.01 51.85
N ARG H 40 -19.64 9.10 51.93
CA ARG H 40 -19.51 9.92 53.13
C ARG H 40 -19.74 11.37 52.76
N ILE H 41 -20.41 12.10 53.63
CA ILE H 41 -20.52 13.56 53.53
C ILE H 41 -20.54 14.11 54.94
N SER H 42 -19.48 14.80 55.34
CA SER H 42 -19.45 15.53 56.59
C SER H 42 -19.32 17.02 56.28
N LEU H 43 -19.95 17.85 57.10
CA LEU H 43 -20.10 19.27 56.81
C LEU H 43 -19.53 20.12 57.94
N HIS H 44 -18.76 21.16 57.58
CA HIS H 44 -18.25 22.13 58.56
C HIS H 44 -18.72 23.52 58.17
N GLU H 45 -19.56 24.09 59.03
CA GLU H 45 -20.10 25.42 58.83
C GLU H 45 -19.04 26.40 59.28
N ILE H 46 -18.38 27.04 58.33
CA ILE H 46 -17.38 28.06 58.62
C ILE H 46 -18.05 29.43 58.52
N GLU H 47 -17.54 30.38 59.29
CA GLU H 47 -18.31 31.58 59.50
C GLU H 47 -18.14 32.58 58.37
N GLN H 48 -18.85 33.67 58.52
CA GLN H 48 -18.49 34.94 57.94
C GLN H 48 -17.30 35.51 58.71
N GLN H 49 -16.49 36.31 58.03
CA GLN H 49 -15.31 36.93 58.61
C GLN H 49 -14.37 35.93 59.28
N ASP H 50 -14.73 34.65 59.26
CA ASP H 50 -13.79 33.56 59.53
C ASP H 50 -13.15 33.03 58.27
N SER H 51 -13.44 33.63 57.12
CA SER H 51 -13.05 33.06 55.84
C SER H 51 -13.17 34.16 54.79
N ILE H 52 -12.06 34.58 54.25
CA ILE H 52 -12.10 35.54 53.15
C ILE H 52 -12.27 34.78 51.84
N VAL H 53 -12.95 35.41 50.88
CA VAL H 53 -13.10 34.88 49.53
C VAL H 53 -13.01 36.05 48.56
N ALA H 54 -12.05 35.97 47.61
CA ALA H 54 -11.63 37.02 46.70
C ALA H 54 -10.91 38.11 47.49
N GLY H 55 -11.55 39.27 47.63
CA GLY H 55 -11.06 40.30 48.53
C GLY H 55 -12.14 40.67 49.53
N GLN H 56 -13.13 39.77 49.67
CA GLN H 56 -14.25 39.91 50.57
C GLN H 56 -14.15 38.85 51.66
N VAL H 57 -14.18 39.28 52.92
CA VAL H 57 -14.18 38.36 54.05
C VAL H 57 -15.63 37.96 54.34
N GLY H 58 -15.86 36.67 54.55
CA GLY H 58 -17.17 36.19 54.90
C GLY H 58 -18.16 36.11 53.76
N ALA H 59 -17.72 36.30 52.52
CA ALA H 59 -18.61 36.09 51.39
C ALA H 59 -19.03 34.63 51.32
N GLU H 60 -20.06 34.37 50.54
CA GLU H 60 -20.64 33.04 50.52
C GLU H 60 -19.87 32.12 49.58
N PHE H 61 -19.74 30.86 49.97
CA PHE H 61 -18.96 29.90 49.20
C PHE H 61 -19.37 28.49 49.56
N VAL H 62 -18.76 27.52 48.85
CA VAL H 62 -18.59 26.15 49.33
C VAL H 62 -17.24 25.63 48.83
N ASN H 63 -16.60 24.77 49.63
CA ASN H 63 -15.50 23.95 49.17
C ASN H 63 -15.82 22.49 49.51
N ILE H 64 -15.70 21.59 48.52
CA ILE H 64 -16.11 20.19 48.67
C ILE H 64 -14.92 19.30 48.36
N VAL H 65 -14.37 18.64 49.36
CA VAL H 65 -13.24 17.73 49.19
C VAL H 65 -13.75 16.31 49.04
N ALA H 66 -13.55 15.73 47.86
CA ALA H 66 -13.96 14.37 47.60
C ALA H 66 -12.76 13.45 47.71
N PHE H 67 -12.96 12.29 48.30
CA PHE H 67 -11.85 11.38 48.57
C PHE H 67 -12.13 10.05 47.90
N LEU H 68 -12.03 10.03 46.57
CA LEU H 68 -12.47 8.87 45.82
C LEU H 68 -11.34 7.87 45.67
N LEU H 69 -11.64 6.60 45.87
CA LEU H 69 -10.71 5.55 45.49
C LEU H 69 -10.37 5.68 44.01
N ALA H 70 -9.13 5.39 43.67
CA ALA H 70 -8.75 5.48 42.26
C ALA H 70 -9.53 4.41 41.51
N GLY H 71 -10.46 4.83 40.65
CA GLY H 71 -11.32 3.89 39.97
C GLY H 71 -12.34 4.54 39.06
N ARG H 72 -12.06 5.74 38.59
CA ARG H 72 -13.04 6.47 37.80
C ARG H 72 -12.39 7.27 36.67
N ASN H 73 -13.09 7.29 35.54
CA ASN H 73 -12.81 8.13 34.40
C ASN H 73 -12.96 9.60 34.72
N ASP H 74 -12.47 10.43 33.79
CA ASP H 74 -12.55 11.88 33.87
C ASP H 74 -13.94 12.42 33.56
N GLU H 75 -14.87 11.60 33.11
CA GLU H 75 -16.12 12.12 32.54
C GLU H 75 -17.22 12.23 33.59
N VAL H 76 -17.42 11.16 34.37
CA VAL H 76 -18.45 11.21 35.39
C VAL H 76 -17.93 11.88 36.65
N LYS H 77 -16.61 12.05 36.77
CA LYS H 77 -16.11 13.07 37.68
C LYS H 77 -16.81 14.38 37.37
N ALA H 78 -16.59 14.89 36.15
CA ALA H 78 -17.24 16.13 35.74
C ALA H 78 -18.76 16.05 35.83
N ASN H 79 -19.35 14.87 35.73
CA ASN H 79 -20.79 14.77 35.97
C ASN H 79 -21.14 15.12 37.41
N PHE H 80 -20.53 14.41 38.34
CA PHE H 80 -20.62 14.76 39.75
C PHE H 80 -20.41 16.25 39.91
N LEU H 81 -19.34 16.78 39.32
CA LEU H 81 -19.08 18.20 39.35
C LEU H 81 -20.25 18.99 38.80
N ALA H 82 -21.06 18.38 37.94
CA ALA H 82 -22.19 19.13 37.40
C ALA H 82 -23.36 19.11 38.37
N ALA H 83 -23.92 17.93 38.60
CA ALA H 83 -25.13 17.81 39.40
C ALA H 83 -24.96 18.32 40.81
N ILE H 84 -23.71 18.43 41.28
CA ILE H 84 -23.51 18.60 42.70
C ILE H 84 -23.22 20.06 43.05
N ASN H 85 -22.65 20.81 42.10
CA ASN H 85 -22.63 22.26 42.27
C ASN H 85 -24.04 22.77 42.47
N LYS H 86 -24.94 22.42 41.55
CA LYS H 86 -26.32 22.82 41.72
C LYS H 86 -27.04 21.96 42.74
N THR H 87 -26.41 20.93 43.27
CA THR H 87 -26.89 20.39 44.54
C THR H 87 -26.70 21.40 45.66
N ALA H 88 -25.52 22.01 45.71
CA ALA H 88 -25.33 23.08 46.69
C ALA H 88 -26.26 24.24 46.40
N VAL H 89 -26.29 24.68 45.14
CA VAL H 89 -27.15 25.76 44.70
C VAL H 89 -28.63 25.42 44.80
N THR H 90 -28.99 24.16 44.95
CA THR H 90 -30.41 23.89 45.17
C THR H 90 -30.77 23.83 46.64
N THR H 91 -29.87 23.30 47.46
CA THR H 91 -30.17 22.99 48.85
C THR H 91 -29.51 23.93 49.83
N LEU H 92 -28.37 24.52 49.49
CA LEU H 92 -27.81 25.60 50.27
C LEU H 92 -27.99 26.96 49.60
N ASP H 93 -28.47 26.97 48.34
CA ASP H 93 -28.51 28.13 47.45
C ASP H 93 -27.41 29.14 47.67
N VAL H 94 -26.17 28.71 47.86
CA VAL H 94 -25.09 29.68 47.84
C VAL H 94 -24.95 30.16 46.40
N SER H 95 -24.03 31.08 46.13
CA SER H 95 -24.01 31.71 44.81
C SER H 95 -23.78 30.70 43.70
N ASP H 96 -24.27 31.08 42.51
CA ASP H 96 -24.11 30.36 41.25
C ASP H 96 -22.77 29.65 41.13
N SER H 97 -21.73 30.18 41.78
CA SER H 97 -20.38 29.83 41.39
C SER H 97 -19.38 29.67 42.52
N CYS H 98 -19.78 29.75 43.78
CA CYS H 98 -18.80 29.83 44.85
C CYS H 98 -18.48 28.49 45.48
N ILE H 99 -19.04 27.43 44.96
CA ILE H 99 -18.72 26.08 45.41
C ILE H 99 -17.39 25.64 44.82
N ARG H 100 -16.61 24.87 45.58
CA ARG H 100 -15.31 24.39 45.14
C ARG H 100 -15.23 22.89 45.38
N THR H 101 -14.98 22.12 44.32
CA THR H 101 -14.94 20.66 44.40
C THR H 101 -13.55 20.18 43.98
N MET H 102 -12.78 19.72 44.96
CA MET H 102 -11.52 19.05 44.71
C MET H 102 -11.77 17.55 44.68
N LEU H 103 -11.65 16.95 43.50
CA LEU H 103 -11.87 15.52 43.32
C LEU H 103 -10.55 14.80 43.51
N ILE H 104 -10.40 14.14 44.65
CA ILE H 104 -9.10 13.71 45.11
C ILE H 104 -8.98 12.22 44.88
N ASP H 105 -8.19 11.86 43.87
CA ASP H 105 -7.88 10.46 43.59
C ASP H 105 -7.04 9.87 44.70
N ILE H 106 -7.49 8.72 45.22
CA ILE H 106 -6.79 7.92 46.20
C ILE H 106 -6.64 6.53 45.63
N ALA H 107 -5.42 5.98 45.71
CA ALA H 107 -5.11 4.61 45.28
C ALA H 107 -5.40 3.63 46.39
N PRO H 108 -6.11 2.55 46.10
CA PRO H 108 -6.42 1.53 47.10
C PRO H 108 -5.38 1.29 48.17
N GLU H 109 -4.10 1.34 47.78
CA GLU H 109 -2.97 1.04 48.66
C GLU H 109 -2.76 2.03 49.80
N HIS H 110 -3.59 3.08 49.91
CA HIS H 110 -3.39 4.13 50.91
C HIS H 110 -4.62 4.42 51.75
N MET H 111 -5.77 3.83 51.43
CA MET H 111 -7.01 4.18 52.08
C MET H 111 -7.36 3.06 53.06
N GLY H 112 -7.21 3.36 54.35
CA GLY H 112 -7.62 2.43 55.38
C GLY H 112 -9.12 2.27 55.31
N VAL H 113 -9.59 1.07 54.97
CA VAL H 113 -11.01 0.81 54.85
C VAL H 113 -11.51 0.05 56.07
N GLN H 114 -12.51 -0.81 55.88
CA GLN H 114 -13.11 -1.52 56.99
C GLN H 114 -12.04 -2.27 57.75
N GLU H 115 -12.11 -2.16 59.07
CA GLU H 115 -11.16 -2.74 60.02
C GLU H 115 -9.72 -2.55 59.57
N GLY H 116 -9.37 -1.31 59.28
CA GLY H 116 -7.98 -0.93 59.15
C GLY H 116 -7.18 -1.61 58.06
N LEU H 117 -7.75 -2.63 57.44
CA LEU H 117 -7.21 -3.13 56.19
C LEU H 117 -7.19 -1.99 55.17
N SER H 118 -6.25 -2.05 54.22
CA SER H 118 -6.22 -1.01 53.21
C SER H 118 -7.24 -1.32 52.13
N ALA H 119 -7.61 -0.28 51.38
CA ALA H 119 -8.55 -0.42 50.28
C ALA H 119 -8.05 -1.37 49.18
N ALA H 120 -6.85 -1.92 49.33
CA ALA H 120 -6.33 -3.04 48.54
C ALA H 120 -6.60 -4.37 49.20
N ALA H 121 -6.43 -4.42 50.51
CA ALA H 121 -6.77 -5.61 51.28
C ALA H 121 -8.20 -6.06 51.03
N PHE H 122 -9.06 -5.17 50.58
CA PHE H 122 -10.38 -5.60 50.11
C PHE H 122 -10.38 -5.94 48.63
N ARG H 123 -9.45 -5.39 47.86
CA ARG H 123 -9.40 -5.58 46.42
C ARG H 123 -10.77 -5.35 45.80
#